data_7FH7
#
_entry.id   7FH7
#
_cell.length_a   60.610
_cell.length_b   78.370
_cell.length_c   127.000
_cell.angle_alpha   90.000
_cell.angle_beta   90.000
_cell.angle_gamma   90.000
#
_symmetry.space_group_name_H-M   'P 21 21 21'
#
loop_
_entity.id
_entity.type
_entity.pdbx_description
1 polymer CylK
2 non-polymer 5-[(2S,7R)-7-fluoranyl-2-methyl-undecyl]benzene-1,3-diol
3 non-polymer 'MAGNESIUM ION'
4 non-polymer 'CALCIUM ION'
5 non-polymer 'CHLORIDE ION'
6 water water
#
_entity_poly.entity_id   1
_entity_poly.type   'polypeptide(L)'
_entity_poly.pdbx_seq_one_letter_code
;MKKNKKTTKSLLSADEKITESLRSTLSDVLPDQLQTFIRTVLQFSGRPEGANLLTGPNTEIEFFSQDPNKNFPNIFAKYS
NVLTVSSDPNFITSEDEEVKIIWGRHGSDSLIGFDPGADLVGKRRIDIFLGDFIDEQFNPIPGALNAGKSWSDRFILGDW
QKPYYFEDDETLGLNQSAMILDFNPNEDVIQLHGDRQDYELVNISLGTAIFWREKKGYDLIGVLGGVSDLSLKGDYFEFK
GNTAPKTVLKTAEHIGTAANDYIFSSTVDAKGNFYVGGGTGGSLGGRNIGARDAWLAKYDSNGNQRWSRQFGSTGTESLW
GMASDGSNIYVAGNTTGQLENNTVKGGNDAYLAKYDSDGNQVWIKQNGTYTLEESYKITVDSSGNIYTAGHTFGSLGGPN
QNLEQGEVFELPSTDGYVAKFDSNGNQLWVAQFGTITLDDNWGVAADNNGNVFAGGNTKGSFGAKNTGTAGEYDAWLVKL
NKDGQTDWVRQFGTPNYDFMWDIETDSLGDIYATGWTLGDLGGKNAGSYDVWLAKYNTNGNQLWIKQFGTSEDDAPFLDG
IDIDANDNIFLTGNTNGNLGGANAGSYDAWAAKFDKDGNQLWLKQFGTPDYDTATTVTAVNFGKLYVSGITEGSLGTTNA
GSYDSWALKLDADNGEIQDFNSSTNTFGQTGFLNLG
;
_entity_poly.pdbx_strand_id   A
#
loop_
_chem_comp.id
_chem_comp.type
_chem_comp.name
_chem_comp.formula
4ON non-polymer 5-[(2S,7R)-7-fluoranyl-2-methyl-undecyl]benzene-1,3-diol 'C18 H29 F O2'
CA non-polymer 'CALCIUM ION' 'Ca 2'
CL non-polymer 'CHLORIDE ION' 'Cl -1'
MG non-polymer 'MAGNESIUM ION' 'Mg 2'
#
# COMPACT_ATOMS: atom_id res chain seq x y z
N SER A 10 -12.54 -36.82 -9.03
CA SER A 10 -12.74 -37.52 -7.76
C SER A 10 -11.96 -36.87 -6.62
N LEU A 11 -12.63 -36.67 -5.48
CA LEU A 11 -12.02 -36.10 -4.30
C LEU A 11 -11.41 -37.16 -3.38
N LEU A 12 -11.28 -38.39 -3.87
CA LEU A 12 -10.65 -39.46 -3.10
C LEU A 12 -9.20 -39.10 -2.80
N SER A 13 -8.81 -39.23 -1.53
CA SER A 13 -7.45 -38.94 -1.08
C SER A 13 -7.05 -37.48 -1.30
N ALA A 14 -8.04 -36.58 -1.33
CA ALA A 14 -7.71 -35.16 -1.50
C ALA A 14 -6.79 -34.67 -0.40
N ASP A 15 -6.97 -35.17 0.83
CA ASP A 15 -6.14 -34.71 1.93
CA ASP A 15 -6.15 -34.75 1.95
C ASP A 15 -4.67 -34.99 1.66
N GLU A 16 -4.33 -36.23 1.28
CA GLU A 16 -2.95 -36.57 1.00
C GLU A 16 -2.41 -35.81 -0.20
N LYS A 17 -3.22 -35.68 -1.26
CA LYS A 17 -2.75 -34.98 -2.45
C LYS A 17 -2.48 -33.50 -2.14
N ILE A 18 -3.36 -32.86 -1.38
CA ILE A 18 -3.19 -31.44 -1.06
C ILE A 18 -1.95 -31.24 -0.20
N THR A 19 -1.81 -32.02 0.88
CA THR A 19 -0.65 -31.89 1.75
C THR A 19 0.66 -32.06 0.98
N GLU A 20 0.74 -33.12 0.17
CA GLU A 20 1.98 -33.38 -0.56
C GLU A 20 2.29 -32.27 -1.56
N SER A 21 1.26 -31.77 -2.24
CA SER A 21 1.47 -30.72 -3.24
C SER A 21 1.94 -29.43 -2.58
N LEU A 22 1.23 -28.98 -1.54
CA LEU A 22 1.63 -27.75 -0.85
C LEU A 22 3.02 -27.89 -0.23
N ARG A 23 3.28 -29.02 0.45
CA ARG A 23 4.59 -29.23 1.05
C ARG A 23 5.69 -29.17 0.00
N SER A 24 5.47 -29.82 -1.14
CA SER A 24 6.48 -29.86 -2.19
C SER A 24 6.78 -28.46 -2.71
N THR A 25 5.75 -27.69 -3.04
CA THR A 25 5.96 -26.37 -3.62
C THR A 25 6.56 -25.41 -2.59
N LEU A 26 5.95 -25.35 -1.40
CA LEU A 26 6.42 -24.41 -0.38
C LEU A 26 7.87 -24.71 0.00
N SER A 27 8.21 -25.98 0.18
CA SER A 27 9.58 -26.31 0.58
C SER A 27 10.56 -26.18 -0.57
N ASP A 28 10.09 -26.22 -1.82
CA ASP A 28 10.97 -26.00 -2.95
C ASP A 28 11.27 -24.54 -3.16
N VAL A 29 10.29 -23.66 -2.88
CA VAL A 29 10.39 -22.25 -3.23
C VAL A 29 11.02 -21.42 -2.12
N LEU A 30 10.54 -21.60 -0.88
CA LEU A 30 10.97 -20.73 0.22
C LEU A 30 12.38 -21.09 0.68
N PRO A 31 13.30 -20.11 0.76
CA PRO A 31 14.64 -20.39 1.30
C PRO A 31 14.57 -20.97 2.71
N ASP A 32 15.57 -21.78 3.03
CA ASP A 32 15.61 -22.46 4.31
C ASP A 32 15.57 -21.48 5.48
N GLN A 33 16.26 -20.33 5.35
CA GLN A 33 16.20 -19.29 6.38
C GLN A 33 14.76 -18.88 6.63
N LEU A 34 14.01 -18.67 5.55
CA LEU A 34 12.65 -18.20 5.69
C LEU A 34 11.76 -19.31 6.25
N GLN A 35 11.98 -20.56 5.83
CA GLN A 35 11.21 -21.67 6.39
C GLN A 35 11.43 -21.78 7.89
N THR A 36 12.68 -21.63 8.34
CA THR A 36 12.99 -21.69 9.76
C THR A 36 12.25 -20.58 10.51
N PHE A 37 12.29 -19.37 9.96
CA PHE A 37 11.57 -18.23 10.54
C PHE A 37 10.07 -18.51 10.61
N ILE A 38 9.48 -18.96 9.50
CA ILE A 38 8.03 -19.19 9.46
C ILE A 38 7.63 -20.27 10.46
N ARG A 39 8.34 -21.40 10.45
CA ARG A 39 8.01 -22.48 11.38
C ARG A 39 8.05 -21.99 12.82
N THR A 40 9.06 -21.19 13.17
CA THR A 40 9.18 -20.71 14.54
C THR A 40 8.01 -19.81 14.90
N VAL A 41 7.62 -18.93 13.98
CA VAL A 41 6.55 -17.99 14.25
C VAL A 41 5.20 -18.72 14.37
N LEU A 42 4.95 -19.65 13.44
CA LEU A 42 3.69 -20.39 13.48
C LEU A 42 3.55 -21.21 14.76
N GLN A 43 4.64 -21.82 15.21
CA GLN A 43 4.59 -22.58 16.46
C GLN A 43 4.33 -21.66 17.64
N PHE A 44 5.07 -20.56 17.73
CA PHE A 44 4.88 -19.62 18.83
C PHE A 44 3.46 -19.08 18.87
N SER A 45 2.89 -18.78 17.71
CA SER A 45 1.61 -18.09 17.65
C SER A 45 0.41 -19.02 17.81
N GLY A 46 0.61 -20.33 17.87
CA GLY A 46 -0.53 -21.22 17.98
C GLY A 46 -1.31 -21.38 16.70
N ARG A 47 -0.66 -21.19 15.55
CA ARG A 47 -1.24 -21.49 14.24
C ARG A 47 -0.33 -22.50 13.55
N PRO A 48 -0.22 -23.72 14.10
CA PRO A 48 0.85 -24.62 13.66
C PRO A 48 0.56 -25.37 12.37
N GLU A 49 -0.65 -25.27 11.80
CA GLU A 49 -1.06 -26.18 10.73
C GLU A 49 -0.11 -26.12 9.53
N GLY A 50 0.33 -24.93 9.13
CA GLY A 50 1.18 -24.86 7.96
C GLY A 50 2.62 -25.29 8.16
N ALA A 51 3.05 -25.48 9.41
CA ALA A 51 4.47 -25.68 9.68
C ALA A 51 4.99 -26.97 9.06
N ASN A 52 4.22 -28.05 9.13
CA ASN A 52 4.64 -29.35 8.62
C ASN A 52 4.79 -29.35 7.10
N LEU A 53 4.37 -28.27 6.43
CA LEU A 53 4.54 -28.16 4.99
C LEU A 53 5.91 -27.63 4.60
N LEU A 54 6.74 -27.24 5.56
CA LEU A 54 8.05 -26.64 5.32
C LEU A 54 9.10 -27.61 5.88
N THR A 55 9.77 -28.35 4.99
CA THR A 55 10.63 -29.46 5.41
C THR A 55 12.12 -29.17 5.26
N GLY A 56 12.51 -27.94 4.91
CA GLY A 56 13.91 -27.58 4.84
C GLY A 56 14.55 -27.64 6.21
N PRO A 57 15.87 -27.82 6.25
CA PRO A 57 16.56 -27.93 7.54
C PRO A 57 16.63 -26.61 8.27
N ASN A 58 16.62 -26.69 9.60
CA ASN A 58 16.80 -25.50 10.42
CA ASN A 58 16.81 -25.51 10.44
C ASN A 58 18.07 -24.78 10.02
N THR A 59 17.96 -23.48 9.80
CA THR A 59 19.04 -22.68 9.28
C THR A 59 19.13 -21.36 10.04
N GLU A 60 20.37 -20.92 10.27
CA GLU A 60 20.60 -19.64 10.94
C GLU A 60 19.92 -18.52 10.14
N ILE A 61 19.18 -17.67 10.84
CA ILE A 61 18.51 -16.54 10.22
C ILE A 61 19.46 -15.36 10.27
N GLU A 62 19.92 -14.90 9.11
CA GLU A 62 21.00 -13.91 9.05
C GLU A 62 20.42 -12.50 8.99
N PHE A 63 19.91 -12.09 10.15
CA PHE A 63 19.18 -10.84 10.28
C PHE A 63 20.00 -9.64 9.80
N PHE A 64 21.32 -9.70 9.94
CA PHE A 64 22.16 -8.53 9.66
C PHE A 64 23.28 -8.82 8.67
N SER A 65 23.16 -9.84 7.84
CA SER A 65 24.18 -10.10 6.85
C SER A 65 24.27 -8.95 5.84
N GLN A 66 25.50 -8.62 5.44
CA GLN A 66 25.73 -7.61 4.43
C GLN A 66 25.70 -8.18 3.02
N ASP A 67 25.65 -9.50 2.90
CA ASP A 67 25.47 -10.16 1.61
C ASP A 67 24.02 -10.01 1.19
N PRO A 68 23.74 -9.35 0.05
CA PRO A 68 22.34 -9.16 -0.35
C PRO A 68 21.57 -10.46 -0.51
N ASN A 69 22.26 -11.57 -0.83
CA ASN A 69 21.57 -12.84 -1.04
C ASN A 69 21.25 -13.56 0.26
N LYS A 70 21.91 -13.19 1.37
CA LYS A 70 21.70 -13.81 2.67
C LYS A 70 20.98 -12.90 3.64
N ASN A 71 21.05 -11.59 3.44
CA ASN A 71 20.40 -10.61 4.30
C ASN A 71 18.93 -10.96 4.46
N PHE A 72 18.51 -11.20 5.71
CA PHE A 72 17.18 -11.72 5.92
C PHE A 72 16.06 -10.73 5.58
N PRO A 73 16.19 -9.43 5.90
CA PRO A 73 15.18 -8.49 5.40
C PRO A 73 14.95 -8.62 3.90
N ASN A 74 16.01 -8.78 3.10
CA ASN A 74 15.83 -9.00 1.66
C ASN A 74 15.06 -10.28 1.39
N ILE A 75 15.43 -11.38 2.05
CA ILE A 75 14.77 -12.67 1.83
C ILE A 75 13.29 -12.58 2.22
N PHE A 76 13.00 -12.04 3.40
CA PHE A 76 11.62 -11.93 3.85
C PHE A 76 10.80 -11.06 2.90
N ALA A 77 11.36 -9.92 2.47
CA ALA A 77 10.62 -9.04 1.56
C ALA A 77 10.37 -9.69 0.21
N LYS A 78 11.31 -10.50 -0.27
CA LYS A 78 11.15 -11.13 -1.57
CA LYS A 78 11.15 -11.12 -1.58
C LYS A 78 9.88 -11.97 -1.63
N TYR A 79 9.53 -12.62 -0.53
CA TYR A 79 8.42 -13.56 -0.49
C TYR A 79 7.24 -13.07 0.33
N SER A 80 7.14 -11.76 0.56
CA SER A 80 6.04 -11.28 1.39
C SER A 80 5.49 -9.97 0.87
N ASN A 81 4.22 -9.72 1.22
CA ASN A 81 3.58 -8.41 1.16
C ASN A 81 3.19 -8.10 2.60
N VAL A 82 4.02 -7.35 3.32
CA VAL A 82 3.70 -6.93 4.68
C VAL A 82 2.96 -5.61 4.59
N LEU A 83 1.69 -5.60 4.98
CA LEU A 83 0.86 -4.40 4.89
C LEU A 83 0.97 -3.60 6.19
N THR A 84 0.07 -2.64 6.39
CA THR A 84 0.27 -1.64 7.44
C THR A 84 -0.72 -1.85 8.58
N VAL A 85 -0.60 -0.98 9.60
CA VAL A 85 -1.56 -0.99 10.70
C VAL A 85 -2.93 -0.47 10.27
N SER A 86 -3.03 0.11 9.07
CA SER A 86 -4.26 0.65 8.50
C SER A 86 -5.12 -0.50 7.96
N SER A 87 -6.38 -0.17 7.62
CA SER A 87 -7.22 -1.08 6.86
C SER A 87 -6.79 -0.96 5.40
N ASP A 88 -6.02 -1.95 4.92
CA ASP A 88 -5.28 -1.88 3.66
C ASP A 88 -5.94 -2.68 2.55
N PRO A 89 -6.03 -2.09 1.36
CA PRO A 89 -6.00 -2.94 0.15
C PRO A 89 -4.57 -3.42 0.00
N ASN A 90 -4.36 -4.50 -0.76
CA ASN A 90 -2.98 -4.94 -0.95
C ASN A 90 -2.35 -4.11 -2.06
N PHE A 91 -1.89 -2.90 -1.69
CA PHE A 91 -1.37 -1.97 -2.66
C PHE A 91 0.03 -2.33 -3.18
N ILE A 92 0.63 -3.42 -2.70
CA ILE A 92 1.96 -3.83 -3.13
C ILE A 92 1.96 -5.18 -3.85
N THR A 93 0.78 -5.73 -4.18
CA THR A 93 0.75 -7.03 -4.85
C THR A 93 1.36 -6.97 -6.25
N SER A 94 2.14 -8.00 -6.59
CA SER A 94 2.80 -8.08 -7.89
C SER A 94 3.09 -9.54 -8.17
N GLU A 95 2.97 -9.92 -9.44
CA GLU A 95 3.17 -11.32 -9.84
C GLU A 95 4.64 -11.58 -10.14
N ASP A 96 5.46 -11.53 -9.09
CA ASP A 96 6.90 -11.69 -9.27
C ASP A 96 7.48 -12.92 -8.60
N GLU A 97 6.68 -13.71 -7.88
CA GLU A 97 7.16 -14.91 -7.21
C GLU A 97 6.06 -15.98 -7.23
N GLU A 98 6.48 -17.24 -7.12
CA GLU A 98 5.52 -18.34 -7.06
C GLU A 98 4.78 -18.36 -5.73
N VAL A 99 5.47 -18.07 -4.62
CA VAL A 99 4.90 -18.11 -3.28
C VAL A 99 5.01 -16.72 -2.65
N LYS A 100 3.93 -16.29 -2.00
CA LYS A 100 3.88 -14.98 -1.37
CA LYS A 100 3.89 -14.98 -1.37
C LYS A 100 3.13 -15.09 -0.06
N ILE A 101 3.69 -14.49 0.99
CA ILE A 101 3.04 -14.37 2.28
C ILE A 101 2.41 -12.99 2.33
N ILE A 102 1.10 -12.92 2.46
CA ILE A 102 0.37 -11.66 2.42
C ILE A 102 -0.20 -11.42 3.81
N TRP A 103 0.34 -10.42 4.50
CA TRP A 103 0.13 -10.24 5.94
C TRP A 103 -0.56 -8.90 6.16
N GLY A 104 -1.85 -8.94 6.52
CA GLY A 104 -2.63 -7.71 6.63
C GLY A 104 -2.37 -6.92 7.89
N ARG A 105 -1.99 -7.59 8.98
CA ARG A 105 -1.78 -6.93 10.27
C ARG A 105 -3.08 -6.25 10.70
N HIS A 106 -2.97 -5.16 11.46
CA HIS A 106 -4.16 -4.53 12.03
C HIS A 106 -5.04 -3.95 10.94
N GLY A 107 -6.29 -3.69 11.31
CA GLY A 107 -7.25 -3.10 10.41
C GLY A 107 -7.99 -4.13 9.56
N SER A 108 -9.02 -3.63 8.88
CA SER A 108 -9.95 -4.46 8.09
C SER A 108 -9.39 -4.48 6.67
N ASP A 109 -8.58 -5.49 6.38
CA ASP A 109 -7.82 -5.48 5.14
C ASP A 109 -8.58 -6.18 4.03
N SER A 110 -8.36 -5.66 2.81
CA SER A 110 -8.89 -6.25 1.59
C SER A 110 -7.72 -6.94 0.90
N LEU A 111 -7.57 -8.24 1.17
CA LEU A 111 -6.35 -8.96 0.80
C LEU A 111 -6.52 -9.69 -0.52
N ILE A 112 -5.63 -9.36 -1.47
CA ILE A 112 -5.57 -10.02 -2.76
C ILE A 112 -4.11 -10.32 -3.05
N GLY A 113 -3.85 -11.42 -3.76
CA GLY A 113 -2.50 -11.75 -4.15
C GLY A 113 -2.35 -12.27 -5.56
N PHE A 114 -3.46 -12.65 -6.18
CA PHE A 114 -3.48 -13.31 -7.48
C PHE A 114 -4.09 -12.34 -8.48
N ASP A 115 -3.34 -12.04 -9.54
CA ASP A 115 -3.82 -11.07 -10.53
C ASP A 115 -4.50 -11.85 -11.64
N PRO A 116 -5.82 -11.73 -11.81
CA PRO A 116 -6.51 -12.51 -12.84
C PRO A 116 -6.13 -12.11 -14.25
N GLY A 117 -5.48 -10.96 -14.42
CA GLY A 117 -5.06 -10.51 -15.73
C GLY A 117 -3.66 -10.89 -16.11
N ALA A 118 -2.90 -11.51 -15.20
CA ALA A 118 -1.54 -11.93 -15.52
C ALA A 118 -1.54 -13.29 -16.23
N ASP A 119 -0.52 -13.50 -17.04
CA ASP A 119 -0.29 -14.79 -17.68
C ASP A 119 0.38 -15.71 -16.65
N LEU A 120 -0.43 -16.53 -15.98
CA LEU A 120 0.08 -17.44 -14.96
C LEU A 120 -0.14 -18.89 -15.35
N VAL A 121 -0.40 -19.15 -16.63
CA VAL A 121 -0.69 -20.49 -17.08
C VAL A 121 0.52 -21.37 -16.86
N GLY A 122 0.31 -22.51 -16.19
CA GLY A 122 1.38 -23.45 -15.91
C GLY A 122 2.25 -23.07 -14.73
N LYS A 123 2.04 -21.91 -14.12
CA LYS A 123 2.91 -21.43 -13.05
C LYS A 123 2.37 -21.91 -11.70
N ARG A 124 3.28 -22.37 -10.85
CA ARG A 124 2.91 -22.66 -9.45
C ARG A 124 2.66 -21.35 -8.71
N ARG A 125 1.54 -21.28 -7.99
CA ARG A 125 1.17 -20.05 -7.28
C ARG A 125 0.50 -20.43 -5.97
N ILE A 126 1.16 -20.14 -4.85
CA ILE A 126 0.54 -20.25 -3.54
C ILE A 126 0.64 -18.90 -2.85
N ASP A 127 -0.50 -18.32 -2.52
CA ASP A 127 -0.51 -17.13 -1.67
C ASP A 127 -0.93 -17.56 -0.28
N ILE A 128 -0.09 -17.26 0.70
CA ILE A 128 -0.37 -17.56 2.11
C ILE A 128 -0.88 -16.27 2.74
N PHE A 129 -2.12 -16.29 3.22
CA PHE A 129 -2.76 -15.09 3.75
C PHE A 129 -2.83 -15.14 5.27
N LEU A 130 -2.51 -14.00 5.88
CA LEU A 130 -2.72 -13.77 7.31
C LEU A 130 -3.53 -12.49 7.42
N GLY A 131 -4.81 -12.61 7.78
CA GLY A 131 -5.66 -11.44 7.80
C GLY A 131 -5.25 -10.44 8.88
N ASP A 132 -4.97 -10.93 10.08
CA ASP A 132 -4.56 -10.07 11.18
C ASP A 132 -3.19 -10.52 11.65
N PHE A 133 -3.14 -11.47 12.59
CA PHE A 133 -1.87 -12.02 13.05
C PHE A 133 -0.96 -10.88 13.52
N ILE A 134 -1.47 -10.09 14.48
CA ILE A 134 -0.93 -8.76 14.72
C ILE A 134 0.35 -8.81 15.56
N ASP A 135 1.11 -7.72 15.46
CA ASP A 135 2.39 -7.57 16.16
C ASP A 135 2.28 -7.91 17.64
N GLU A 136 1.21 -7.47 18.30
CA GLU A 136 1.04 -7.62 19.74
C GLU A 136 1.14 -9.06 20.21
N GLN A 137 0.87 -10.06 19.34
CA GLN A 137 1.01 -11.45 19.74
C GLN A 137 2.38 -11.73 20.31
N PHE A 138 3.40 -11.02 19.82
CA PHE A 138 4.78 -11.30 20.17
C PHE A 138 5.29 -10.41 21.30
N ASN A 139 4.43 -9.61 21.91
CA ASN A 139 4.83 -8.82 23.07
C ASN A 139 5.01 -9.74 24.27
N PRO A 140 6.14 -9.64 24.99
CA PRO A 140 6.30 -10.44 26.20
C PRO A 140 5.40 -10.00 27.34
N ILE A 141 4.91 -8.78 27.33
CA ILE A 141 4.10 -8.21 28.42
C ILE A 141 2.67 -8.03 27.93
N PRO A 142 1.68 -8.56 28.63
CA PRO A 142 0.28 -8.44 28.19
C PRO A 142 -0.28 -7.08 28.59
N GLY A 143 -1.52 -6.83 28.16
CA GLY A 143 -2.21 -5.60 28.49
C GLY A 143 -2.14 -4.52 27.44
N ALA A 144 -1.40 -4.74 26.35
CA ALA A 144 -1.32 -3.75 25.29
C ALA A 144 -2.72 -3.39 24.80
N LEU A 145 -2.88 -2.14 24.36
CA LEU A 145 -4.19 -1.63 23.97
C LEU A 145 -4.86 -2.53 22.92
N ASN A 146 -4.07 -3.04 21.98
CA ASN A 146 -4.61 -3.84 20.89
C ASN A 146 -4.36 -5.33 21.06
N ALA A 147 -3.84 -5.77 22.20
CA ALA A 147 -3.71 -7.20 22.44
C ALA A 147 -5.08 -7.85 22.38
N GLY A 148 -5.18 -8.96 21.65
CA GLY A 148 -6.43 -9.69 21.54
C GLY A 148 -7.44 -9.10 20.58
N LYS A 149 -7.12 -8.00 19.90
CA LYS A 149 -8.03 -7.36 18.96
CA LYS A 149 -8.06 -7.40 18.97
C LYS A 149 -7.86 -7.95 17.58
N SER A 150 -8.95 -8.01 16.83
CA SER A 150 -8.92 -8.48 15.46
C SER A 150 -9.94 -7.68 14.66
N TRP A 151 -9.88 -7.85 13.34
CA TRP A 151 -10.71 -7.08 12.43
C TRP A 151 -11.28 -8.02 11.38
N SER A 152 -12.32 -7.56 10.71
CA SER A 152 -12.90 -8.30 9.58
CA SER A 152 -12.90 -8.30 9.58
C SER A 152 -12.00 -8.09 8.37
N ASP A 153 -11.31 -9.16 7.95
CA ASP A 153 -10.52 -9.11 6.73
C ASP A 153 -11.27 -9.84 5.63
N ARG A 154 -11.10 -9.36 4.39
CA ARG A 154 -11.72 -9.97 3.23
C ARG A 154 -10.62 -10.63 2.41
N PHE A 155 -10.73 -11.95 2.22
CA PHE A 155 -9.72 -12.71 1.51
C PHE A 155 -10.28 -12.93 0.11
N ILE A 156 -9.64 -12.33 -0.89
CA ILE A 156 -10.19 -12.32 -2.24
C ILE A 156 -9.65 -13.52 -2.99
N LEU A 157 -10.48 -14.55 -3.14
CA LEU A 157 -10.12 -15.77 -3.84
C LEU A 157 -10.83 -15.88 -5.18
N GLY A 158 -11.45 -14.80 -5.64
CA GLY A 158 -12.20 -14.79 -6.88
C GLY A 158 -13.04 -13.53 -6.93
N ASP A 159 -13.53 -13.17 -8.12
CA ASP A 159 -14.36 -11.98 -8.25
C ASP A 159 -15.44 -12.28 -9.29
N TRP A 160 -16.08 -11.21 -9.79
CA TRP A 160 -17.12 -11.33 -10.80
C TRP A 160 -16.60 -11.95 -12.10
N GLN A 161 -15.29 -11.90 -12.33
CA GLN A 161 -14.72 -12.31 -13.61
C GLN A 161 -14.38 -13.78 -13.65
N LYS A 162 -13.68 -14.29 -12.64
CA LYS A 162 -13.20 -15.66 -12.66
C LYS A 162 -12.87 -16.07 -11.24
N PRO A 163 -12.84 -17.38 -10.96
CA PRO A 163 -12.18 -17.84 -9.73
C PRO A 163 -10.68 -17.60 -9.87
N TYR A 164 -10.03 -17.33 -8.74
CA TYR A 164 -8.59 -17.21 -8.76
C TYR A 164 -7.97 -18.58 -8.49
N TYR A 165 -6.66 -18.71 -8.75
CA TYR A 165 -5.95 -19.96 -8.50
C TYR A 165 -6.55 -21.13 -9.29
N PHE A 166 -7.13 -20.84 -10.44
CA PHE A 166 -7.95 -21.79 -11.19
C PHE A 166 -7.16 -22.27 -12.41
N GLU A 167 -6.76 -23.55 -12.41
CA GLU A 167 -6.00 -24.08 -13.53
C GLU A 167 -6.88 -24.67 -14.64
N ASP A 168 -8.12 -25.04 -14.33
CA ASP A 168 -9.09 -25.48 -15.35
C ASP A 168 -8.53 -26.60 -16.22
N ASP A 169 -8.01 -27.65 -15.56
CA ASP A 169 -7.46 -28.77 -16.29
C ASP A 169 -7.96 -30.08 -15.72
N GLU A 170 -7.36 -31.20 -16.14
CA GLU A 170 -7.79 -32.53 -15.75
C GLU A 170 -7.36 -32.91 -14.34
N THR A 171 -6.54 -32.10 -13.68
CA THR A 171 -6.06 -32.43 -12.35
C THR A 171 -6.99 -31.85 -11.29
N LEU A 172 -6.62 -32.03 -10.03
CA LEU A 172 -7.37 -31.44 -8.93
C LEU A 172 -7.04 -29.96 -8.74
N GLY A 173 -6.21 -29.39 -9.61
CA GLY A 173 -5.90 -27.98 -9.54
C GLY A 173 -5.16 -27.61 -8.27
N LEU A 174 -4.13 -28.39 -7.95
CA LEU A 174 -3.33 -28.18 -6.76
C LEU A 174 -2.12 -27.29 -7.01
N ASN A 175 -1.81 -26.96 -8.26
CA ASN A 175 -0.63 -26.17 -8.56
C ASN A 175 -0.82 -24.70 -8.20
N GLN A 176 -2.07 -24.24 -8.10
CA GLN A 176 -2.36 -22.89 -7.67
C GLN A 176 -3.43 -22.94 -6.59
N SER A 177 -3.19 -22.28 -5.47
CA SER A 177 -4.15 -22.26 -4.37
CA SER A 177 -4.15 -22.25 -4.37
C SER A 177 -3.77 -21.17 -3.40
N ALA A 178 -4.78 -20.58 -2.77
CA ALA A 178 -4.55 -19.73 -1.60
C ALA A 178 -4.44 -20.63 -0.37
N MET A 179 -3.72 -20.14 0.64
CA MET A 179 -3.76 -20.79 1.94
C MET A 179 -3.95 -19.69 2.98
N ILE A 180 -5.09 -19.71 3.65
CA ILE A 180 -5.43 -18.69 4.65
C ILE A 180 -5.23 -19.33 6.01
N LEU A 181 -4.36 -18.73 6.82
CA LEU A 181 -3.93 -19.38 8.05
C LEU A 181 -4.69 -18.93 9.30
N ASP A 182 -5.40 -17.81 9.25
CA ASP A 182 -6.08 -17.26 10.42
C ASP A 182 -7.51 -16.86 10.10
N PHE A 183 -8.19 -17.62 9.24
CA PHE A 183 -9.57 -17.31 8.90
C PHE A 183 -10.46 -17.47 10.14
N ASN A 184 -11.17 -16.40 10.49
CA ASN A 184 -12.11 -16.44 11.60
C ASN A 184 -13.52 -16.27 11.04
N PRO A 185 -14.32 -17.33 10.99
CA PRO A 185 -15.65 -17.20 10.38
C PRO A 185 -16.56 -16.23 11.12
N ASN A 186 -16.29 -15.92 12.39
CA ASN A 186 -17.10 -14.92 13.09
C ASN A 186 -16.86 -13.49 12.60
N GLU A 187 -15.79 -13.24 11.83
CA GLU A 187 -15.44 -11.86 11.48
CA GLU A 187 -15.42 -11.87 11.49
C GLU A 187 -15.01 -11.70 10.03
N ASP A 188 -14.25 -12.66 9.50
CA ASP A 188 -13.65 -12.51 8.18
C ASP A 188 -14.61 -12.94 7.08
N VAL A 189 -14.26 -12.58 5.84
CA VAL A 189 -15.04 -12.94 4.67
C VAL A 189 -14.10 -13.55 3.63
N ILE A 190 -14.55 -14.63 2.98
CA ILE A 190 -13.85 -15.20 1.84
C ILE A 190 -14.68 -14.87 0.61
N GLN A 191 -14.10 -14.13 -0.31
CA GLN A 191 -14.80 -13.72 -1.52
C GLN A 191 -14.52 -14.71 -2.64
N LEU A 192 -15.59 -15.17 -3.32
CA LEU A 192 -15.48 -16.18 -4.35
C LEU A 192 -16.25 -15.79 -5.61
N HIS A 193 -15.73 -16.22 -6.75
CA HIS A 193 -16.45 -16.10 -8.02
C HIS A 193 -17.70 -16.98 -8.02
N GLY A 194 -18.73 -16.53 -8.74
CA GLY A 194 -19.87 -17.39 -9.03
C GLY A 194 -20.87 -17.44 -7.89
N ASP A 195 -21.35 -18.64 -7.58
CA ASP A 195 -22.32 -18.81 -6.50
C ASP A 195 -21.99 -20.08 -5.72
N ARG A 196 -22.74 -20.32 -4.64
CA ARG A 196 -22.37 -21.39 -3.73
C ARG A 196 -22.48 -22.77 -4.37
N GLN A 197 -23.34 -22.93 -5.37
CA GLN A 197 -23.44 -24.21 -6.08
C GLN A 197 -22.20 -24.50 -6.93
N ASP A 198 -21.30 -23.54 -7.09
CA ASP A 198 -20.07 -23.77 -7.83
C ASP A 198 -18.96 -24.38 -6.97
N TYR A 199 -19.19 -24.63 -5.69
CA TYR A 199 -18.12 -25.03 -4.79
C TYR A 199 -18.48 -26.26 -3.99
N GLU A 200 -17.46 -26.90 -3.44
CA GLU A 200 -17.63 -27.97 -2.47
C GLU A 200 -16.54 -27.83 -1.44
N LEU A 201 -16.93 -27.89 -0.16
CA LEU A 201 -15.99 -27.84 0.94
C LEU A 201 -15.64 -29.26 1.36
N VAL A 202 -14.37 -29.48 1.68
CA VAL A 202 -13.89 -30.78 2.13
C VAL A 202 -13.09 -30.60 3.41
N ASN A 203 -13.46 -31.32 4.46
CA ASN A 203 -12.65 -31.35 5.67
C ASN A 203 -11.37 -32.15 5.40
N ILE A 204 -10.23 -31.56 5.69
CA ILE A 204 -8.94 -32.24 5.54
C ILE A 204 -8.14 -32.03 6.82
N SER A 205 -7.00 -32.70 6.90
CA SER A 205 -6.19 -32.61 8.12
C SER A 205 -5.78 -31.16 8.40
N LEU A 206 -5.43 -30.41 7.36
CA LEU A 206 -5.02 -29.02 7.50
C LEU A 206 -6.16 -28.11 7.94
N GLY A 207 -7.41 -28.51 7.68
CA GLY A 207 -8.54 -27.64 7.92
C GLY A 207 -9.63 -27.86 6.89
N THR A 208 -9.88 -26.87 6.03
CA THR A 208 -10.90 -26.95 5.01
C THR A 208 -10.27 -26.69 3.64
N ALA A 209 -10.61 -27.52 2.68
CA ALA A 209 -10.27 -27.28 1.28
C ALA A 209 -11.50 -26.71 0.58
N ILE A 210 -11.30 -25.64 -0.18
CA ILE A 210 -12.36 -25.05 -0.99
C ILE A 210 -12.09 -25.44 -2.44
N PHE A 211 -12.97 -26.27 -3.01
CA PHE A 211 -12.83 -26.72 -4.39
C PHE A 211 -13.88 -26.05 -5.25
N TRP A 212 -13.44 -25.49 -6.38
CA TRP A 212 -14.38 -25.17 -7.46
C TRP A 212 -14.86 -26.47 -8.07
N ARG A 213 -16.15 -26.57 -8.32
CA ARG A 213 -16.76 -27.81 -8.81
C ARG A 213 -17.59 -27.51 -10.05
N GLU A 214 -17.31 -28.25 -11.13
CA GLU A 214 -18.15 -28.28 -12.31
C GLU A 214 -18.23 -29.72 -12.79
N LYS A 215 -18.97 -29.94 -13.89
CA LYS A 215 -19.15 -31.30 -14.38
C LYS A 215 -17.82 -31.97 -14.68
N LYS A 216 -16.88 -31.25 -15.29
CA LYS A 216 -15.62 -31.87 -15.70
C LYS A 216 -14.71 -32.19 -14.52
N GLY A 217 -14.92 -31.59 -13.36
CA GLY A 217 -14.14 -32.01 -12.21
C GLY A 217 -13.98 -30.89 -11.20
N TYR A 218 -12.87 -30.94 -10.47
CA TYR A 218 -12.60 -30.04 -9.35
C TYR A 218 -11.31 -29.25 -9.56
N ASP A 219 -11.21 -28.13 -8.85
CA ASP A 219 -9.98 -27.34 -8.83
C ASP A 219 -9.86 -26.68 -7.47
N LEU A 220 -8.75 -26.93 -6.79
CA LEU A 220 -8.54 -26.36 -5.46
C LEU A 220 -8.36 -24.86 -5.56
N ILE A 221 -9.21 -24.11 -4.87
CA ILE A 221 -9.12 -22.67 -4.85
C ILE A 221 -8.38 -22.17 -3.61
N GLY A 222 -8.67 -22.75 -2.46
CA GLY A 222 -8.05 -22.29 -1.23
C GLY A 222 -8.12 -23.33 -0.14
N VAL A 223 -7.17 -23.27 0.77
CA VAL A 223 -7.14 -24.08 1.98
C VAL A 223 -7.21 -23.14 3.17
N LEU A 224 -8.10 -23.47 4.11
CA LEU A 224 -8.24 -22.70 5.34
C LEU A 224 -7.63 -23.50 6.47
N GLY A 225 -6.47 -23.06 6.96
CA GLY A 225 -5.77 -23.80 8.00
C GLY A 225 -6.51 -23.70 9.32
N GLY A 226 -6.74 -24.85 9.95
CA GLY A 226 -7.19 -24.88 11.33
C GLY A 226 -8.67 -24.64 11.55
N VAL A 227 -9.48 -24.63 10.50
CA VAL A 227 -10.93 -24.45 10.60
CA VAL A 227 -10.92 -24.49 10.64
C VAL A 227 -11.61 -25.58 9.84
N SER A 228 -12.68 -26.12 10.41
CA SER A 228 -13.42 -27.24 9.82
C SER A 228 -14.91 -26.97 9.95
N ASP A 229 -15.69 -27.79 9.25
CA ASP A 229 -17.14 -27.86 9.44
C ASP A 229 -17.83 -26.54 9.09
N LEU A 230 -17.34 -25.88 8.05
CA LEU A 230 -17.95 -24.66 7.57
C LEU A 230 -19.09 -24.98 6.61
N SER A 231 -19.81 -23.95 6.20
CA SER A 231 -20.91 -24.10 5.26
C SER A 231 -20.84 -23.00 4.22
N LEU A 232 -21.06 -23.38 2.95
CA LEU A 232 -21.10 -22.39 1.89
C LEU A 232 -22.28 -21.44 2.01
N LYS A 233 -23.25 -21.75 2.88
CA LYS A 233 -24.37 -20.87 3.17
C LYS A 233 -24.03 -19.82 4.22
N GLY A 234 -22.86 -19.91 4.85
CA GLY A 234 -22.48 -18.96 5.87
C GLY A 234 -22.25 -17.57 5.30
N ASP A 235 -22.55 -16.56 6.13
CA ASP A 235 -22.35 -15.17 5.73
CA ASP A 235 -22.36 -15.17 5.71
C ASP A 235 -20.88 -14.81 5.59
N TYR A 236 -19.97 -15.68 6.03
CA TYR A 236 -18.54 -15.44 5.87
C TYR A 236 -18.03 -15.81 4.48
N PHE A 237 -18.89 -16.31 3.60
CA PHE A 237 -18.57 -16.40 2.18
C PHE A 237 -19.37 -15.34 1.45
N GLU A 238 -18.70 -14.59 0.57
CA GLU A 238 -19.37 -13.61 -0.27
CA GLU A 238 -19.36 -13.60 -0.28
C GLU A 238 -19.14 -14.00 -1.73
N PHE A 239 -20.24 -14.31 -2.43
CA PHE A 239 -20.17 -14.75 -3.82
C PHE A 239 -20.43 -13.56 -4.74
N LYS A 240 -19.65 -13.47 -5.81
CA LYS A 240 -19.67 -12.29 -6.67
C LYS A 240 -20.31 -12.53 -8.02
N GLY A 241 -20.80 -13.73 -8.30
CA GLY A 241 -21.50 -13.94 -9.56
C GLY A 241 -20.53 -13.98 -10.73
N ASN A 242 -21.04 -13.62 -11.90
CA ASN A 242 -20.30 -13.75 -13.16
CA ASN A 242 -20.24 -13.72 -13.12
C ASN A 242 -20.31 -12.48 -13.99
N THR A 243 -20.84 -11.39 -13.47
CA THR A 243 -21.08 -10.18 -14.27
CA THR A 243 -21.11 -10.19 -14.26
C THR A 243 -20.43 -8.98 -13.63
N ALA A 244 -19.72 -8.21 -14.43
CA ALA A 244 -19.03 -7.02 -13.96
C ALA A 244 -20.02 -6.06 -13.30
N PRO A 245 -19.57 -5.30 -12.31
CA PRO A 245 -20.46 -4.35 -11.64
C PRO A 245 -21.00 -3.32 -12.62
N LYS A 246 -22.25 -2.92 -12.38
CA LYS A 246 -22.84 -1.84 -13.15
CA LYS A 246 -22.83 -1.84 -13.18
C LYS A 246 -22.04 -0.56 -12.94
N THR A 247 -21.90 0.23 -14.01
CA THR A 247 -21.08 1.42 -13.96
C THR A 247 -21.76 2.57 -13.24
N VAL A 248 -20.99 3.26 -12.40
CA VAL A 248 -21.39 4.50 -11.79
C VAL A 248 -20.34 5.54 -12.12
N LEU A 249 -20.67 6.81 -11.85
CA LEU A 249 -19.75 7.93 -12.00
C LEU A 249 -19.11 7.98 -13.38
N LYS A 250 -19.98 8.04 -14.41
CA LYS A 250 -19.50 8.15 -15.79
C LYS A 250 -18.77 9.47 -16.05
N THR A 251 -18.86 10.43 -15.12
CA THR A 251 -18.10 11.67 -15.16
C THR A 251 -16.61 11.47 -14.89
N ALA A 252 -16.22 10.34 -14.32
CA ALA A 252 -14.81 10.12 -13.99
C ALA A 252 -14.04 9.61 -15.19
N GLU A 253 -12.74 9.88 -15.20
CA GLU A 253 -11.83 9.23 -16.12
C GLU A 253 -11.50 7.84 -15.60
N HIS A 254 -11.69 6.82 -16.43
CA HIS A 254 -11.42 5.44 -16.07
C HIS A 254 -10.12 4.98 -16.72
N ILE A 255 -9.25 4.37 -15.92
CA ILE A 255 -8.00 3.80 -16.41
C ILE A 255 -7.94 2.35 -15.96
N GLY A 256 -7.85 1.42 -16.91
CA GLY A 256 -7.77 0.04 -16.48
C GLY A 256 -7.41 -0.92 -17.59
N THR A 257 -6.79 -2.02 -17.19
CA THR A 257 -6.54 -3.19 -18.02
C THR A 257 -7.13 -4.40 -17.30
N ALA A 258 -7.00 -5.57 -17.92
CA ALA A 258 -7.42 -6.81 -17.28
C ALA A 258 -6.65 -7.13 -16.01
N ALA A 259 -5.49 -6.54 -15.81
CA ALA A 259 -4.67 -6.82 -14.63
C ALA A 259 -4.96 -5.80 -13.53
N ASN A 260 -4.19 -5.84 -12.44
CA ASN A 260 -4.37 -4.85 -11.38
C ASN A 260 -3.72 -3.54 -11.80
N ASP A 261 -4.50 -2.46 -11.82
CA ASP A 261 -4.01 -1.13 -12.15
C ASP A 261 -4.26 -0.17 -11.00
N TYR A 262 -3.24 0.60 -10.64
CA TYR A 262 -3.34 1.54 -9.53
C TYR A 262 -2.78 2.89 -9.91
N ILE A 263 -3.54 3.94 -9.61
CA ILE A 263 -3.01 5.29 -9.47
C ILE A 263 -2.59 5.43 -8.02
N PHE A 264 -1.34 5.84 -7.79
CA PHE A 264 -0.85 6.12 -6.45
C PHE A 264 -0.51 7.59 -6.25
N SER A 265 -0.41 8.38 -7.32
CA SER A 265 0.04 9.75 -7.17
C SER A 265 -0.43 10.58 -8.36
N SER A 266 -0.25 11.89 -8.23
CA SER A 266 -0.69 12.82 -9.27
C SER A 266 0.04 14.14 -9.08
N THR A 267 0.03 14.97 -10.11
CA THR A 267 0.59 16.31 -10.03
C THR A 267 0.04 17.14 -11.18
N VAL A 268 0.40 18.42 -11.18
CA VAL A 268 -0.02 19.35 -12.23
CA VAL A 268 -0.02 19.35 -12.22
C VAL A 268 1.19 20.21 -12.61
N ASP A 269 1.27 20.56 -13.90
CA ASP A 269 2.35 21.43 -14.34
C ASP A 269 1.87 22.88 -14.39
N ALA A 270 2.76 23.78 -14.81
CA ALA A 270 2.46 25.21 -14.79
C ALA A 270 1.42 25.61 -15.83
N LYS A 271 1.18 24.78 -16.83
CA LYS A 271 0.16 25.04 -17.84
C LYS A 271 -1.18 24.45 -17.49
N GLY A 272 -1.29 23.77 -16.35
CA GLY A 272 -2.54 23.15 -15.95
C GLY A 272 -2.75 21.77 -16.50
N ASN A 273 -1.74 21.15 -17.10
CA ASN A 273 -1.85 19.74 -17.46
C ASN A 273 -1.83 18.89 -16.18
N PHE A 274 -2.63 17.84 -16.19
CA PHE A 274 -2.84 16.97 -15.04
C PHE A 274 -2.19 15.62 -15.30
N TYR A 275 -1.43 15.13 -14.32
CA TYR A 275 -0.71 13.88 -14.44
C TYR A 275 -1.12 12.92 -13.35
N VAL A 276 -1.20 11.63 -13.69
CA VAL A 276 -1.42 10.56 -12.75
C VAL A 276 -0.38 9.49 -13.00
N GLY A 277 -0.18 8.64 -11.99
CA GLY A 277 0.72 7.53 -12.20
C GLY A 277 0.61 6.52 -11.07
N GLY A 278 1.29 5.39 -11.26
CA GLY A 278 1.27 4.36 -10.24
C GLY A 278 1.90 3.06 -10.68
N GLY A 279 1.19 1.95 -10.50
CA GLY A 279 1.71 0.65 -10.90
C GLY A 279 0.63 -0.13 -11.62
N THR A 280 1.08 -1.06 -12.48
CA THR A 280 0.14 -1.90 -13.22
C THR A 280 0.75 -3.27 -13.44
N GLY A 281 -0.08 -4.31 -13.31
CA GLY A 281 0.29 -5.65 -13.70
C GLY A 281 0.01 -5.96 -15.15
N GLY A 282 -0.48 -4.96 -15.90
CA GLY A 282 -0.85 -5.14 -17.29
C GLY A 282 -0.05 -4.26 -18.21
N SER A 283 -0.56 -4.09 -19.43
CA SER A 283 0.06 -3.28 -20.47
C SER A 283 -0.80 -2.03 -20.59
N LEU A 284 -0.46 -1.02 -19.79
CA LEU A 284 -1.30 0.16 -19.62
C LEU A 284 -0.77 1.34 -20.44
N GLY A 285 0.45 1.78 -20.12
CA GLY A 285 1.13 2.79 -20.91
C GLY A 285 2.06 2.25 -21.97
N GLY A 286 2.25 0.94 -21.99
CA GLY A 286 3.12 0.25 -22.93
C GLY A 286 3.06 -1.22 -22.62
N ARG A 287 3.81 -2.02 -23.40
CA ARG A 287 3.81 -3.47 -23.18
CA ARG A 287 3.80 -3.47 -23.18
C ARG A 287 4.45 -3.80 -21.84
N ASN A 288 3.78 -4.64 -21.05
CA ASN A 288 4.29 -5.01 -19.74
C ASN A 288 5.67 -5.64 -19.87
N ILE A 289 6.58 -5.21 -18.99
CA ILE A 289 7.96 -5.68 -19.00
C ILE A 289 8.11 -6.94 -18.16
N GLY A 290 7.30 -7.08 -17.12
CA GLY A 290 7.34 -8.22 -16.24
C GLY A 290 6.74 -7.82 -14.92
N ALA A 291 5.84 -8.65 -14.39
CA ALA A 291 5.20 -8.37 -13.10
C ALA A 291 4.59 -6.98 -13.09
N ARG A 292 4.69 -6.27 -11.98
CA ARG A 292 4.22 -4.89 -11.94
C ARG A 292 5.25 -3.96 -12.58
N ASP A 293 4.77 -3.01 -13.38
CA ASP A 293 5.57 -1.92 -13.91
C ASP A 293 5.06 -0.59 -13.38
N ALA A 294 5.92 0.43 -13.44
CA ALA A 294 5.52 1.81 -13.16
C ALA A 294 4.91 2.42 -14.41
N TRP A 295 3.98 3.37 -14.20
CA TRP A 295 3.35 4.04 -15.34
C TRP A 295 2.93 5.45 -14.92
N LEU A 296 2.80 6.32 -15.93
CA LEU A 296 2.27 7.65 -15.75
C LEU A 296 1.57 8.11 -17.02
N ALA A 297 0.71 9.13 -16.87
CA ALA A 297 -0.07 9.65 -18.00
C ALA A 297 -0.29 11.14 -17.82
N LYS A 298 -0.40 11.82 -18.96
CA LYS A 298 -0.63 13.25 -19.02
C LYS A 298 -1.99 13.54 -19.66
N TYR A 299 -2.73 14.47 -19.05
CA TYR A 299 -4.00 14.98 -19.56
C TYR A 299 -3.92 16.48 -19.72
N ASP A 300 -4.52 17.02 -20.79
CA ASP A 300 -4.64 18.47 -20.84
C ASP A 300 -5.76 18.91 -19.89
N SER A 301 -5.91 20.23 -19.74
CA SER A 301 -6.90 20.74 -18.79
C SER A 301 -8.33 20.48 -19.22
N ASN A 302 -8.57 20.10 -20.47
CA ASN A 302 -9.90 19.75 -20.93
C ASN A 302 -10.22 18.27 -20.76
N GLY A 303 -9.29 17.49 -20.22
CA GLY A 303 -9.50 16.10 -19.90
C GLY A 303 -9.07 15.11 -20.97
N ASN A 304 -8.40 15.58 -22.03
CA ASN A 304 -7.93 14.68 -23.07
C ASN A 304 -6.57 14.12 -22.69
N GLN A 305 -6.42 12.79 -22.80
CA GLN A 305 -5.12 12.19 -22.52
C GLN A 305 -4.16 12.51 -23.64
N ARG A 306 -3.00 13.03 -23.27
CA ARG A 306 -1.98 13.40 -24.25
CA ARG A 306 -1.98 13.40 -24.25
C ARG A 306 -1.00 12.27 -24.50
N TRP A 307 -0.65 11.51 -23.45
CA TRP A 307 0.23 10.37 -23.57
C TRP A 307 0.19 9.55 -22.30
N SER A 308 0.67 8.31 -22.42
CA SER A 308 0.90 7.44 -21.29
C SER A 308 2.24 6.74 -21.52
N ARG A 309 2.95 6.48 -20.43
CA ARG A 309 4.27 5.86 -20.50
C ARG A 309 4.34 4.80 -19.43
N GLN A 310 5.08 3.74 -19.72
CA GLN A 310 5.23 2.63 -18.79
C GLN A 310 6.70 2.26 -18.78
N PHE A 311 7.24 2.00 -17.60
CA PHE A 311 8.69 1.77 -17.52
C PHE A 311 8.98 0.87 -16.32
N GLY A 312 10.20 0.35 -16.29
CA GLY A 312 10.61 -0.50 -15.20
C GLY A 312 11.54 -1.61 -15.60
N SER A 313 11.28 -2.82 -15.09
CA SER A 313 12.17 -3.95 -15.24
C SER A 313 11.32 -5.21 -15.29
N THR A 314 11.99 -6.36 -15.46
CA THR A 314 11.30 -7.62 -15.34
C THR A 314 10.88 -7.92 -13.90
N GLY A 315 11.42 -7.18 -12.94
CA GLY A 315 10.97 -7.25 -11.56
C GLY A 315 9.79 -6.33 -11.31
N THR A 316 9.62 -5.94 -10.05
CA THR A 316 8.47 -5.17 -9.61
C THR A 316 8.88 -3.73 -9.33
N GLU A 317 8.12 -2.78 -9.85
CA GLU A 317 8.31 -1.38 -9.46
C GLU A 317 6.98 -0.65 -9.59
N SER A 318 6.89 0.47 -8.89
CA SER A 318 5.72 1.34 -8.95
C SER A 318 6.21 2.78 -8.97
N LEU A 319 5.39 3.66 -9.51
CA LEU A 319 5.49 5.09 -9.21
C LEU A 319 4.68 5.32 -7.94
N TRP A 320 5.33 5.75 -6.86
CA TRP A 320 4.64 6.08 -5.61
C TRP A 320 4.46 7.57 -5.42
N GLY A 321 5.33 8.38 -6.01
CA GLY A 321 5.20 9.82 -5.91
C GLY A 321 5.56 10.49 -7.21
N MET A 322 4.95 11.64 -7.44
CA MET A 322 5.31 12.46 -8.60
C MET A 322 5.11 13.94 -8.28
N ALA A 323 5.96 14.77 -8.87
CA ALA A 323 5.93 16.21 -8.66
C ALA A 323 6.50 16.89 -9.89
N SER A 324 6.20 18.17 -10.07
CA SER A 324 6.64 18.89 -11.25
C SER A 324 7.47 20.11 -10.86
N ASP A 325 8.41 20.47 -11.73
CA ASP A 325 9.09 21.75 -11.61
C ASP A 325 8.37 22.84 -12.40
N GLY A 326 7.16 22.57 -12.87
CA GLY A 326 6.42 23.44 -13.74
C GLY A 326 6.34 22.93 -15.17
N SER A 327 7.35 22.17 -15.59
CA SER A 327 7.42 21.65 -16.94
C SER A 327 7.75 20.16 -16.93
N ASN A 328 8.83 19.78 -16.29
CA ASN A 328 9.19 18.37 -16.21
C ASN A 328 8.42 17.70 -15.07
N ILE A 329 8.37 16.37 -15.14
CA ILE A 329 7.65 15.54 -14.19
CA ILE A 329 7.66 15.55 -14.18
C ILE A 329 8.67 14.62 -13.55
N TYR A 330 8.91 14.78 -12.26
CA TYR A 330 9.80 13.90 -11.52
C TYR A 330 8.97 12.83 -10.82
N VAL A 331 9.46 11.61 -10.84
CA VAL A 331 8.73 10.46 -10.33
C VAL A 331 9.63 9.63 -9.44
N ALA A 332 9.05 9.01 -8.41
CA ALA A 332 9.86 8.25 -7.48
C ALA A 332 9.12 7.00 -7.03
N GLY A 333 9.90 5.97 -6.70
CA GLY A 333 9.33 4.78 -6.14
C GLY A 333 10.41 3.78 -5.80
N ASN A 334 10.05 2.50 -5.82
CA ASN A 334 10.98 1.42 -5.54
C ASN A 334 11.01 0.45 -6.71
N THR A 335 12.01 -0.42 -6.70
CA THR A 335 12.12 -1.50 -7.68
C THR A 335 12.77 -2.70 -7.00
N THR A 336 12.38 -3.90 -7.45
CA THR A 336 13.06 -5.12 -7.06
C THR A 336 14.03 -5.59 -8.13
N GLY A 337 14.11 -4.87 -9.24
CA GLY A 337 14.97 -5.29 -10.33
C GLY A 337 16.01 -4.26 -10.67
N GLN A 338 16.52 -4.30 -11.90
CA GLN A 338 17.53 -3.37 -12.36
C GLN A 338 16.92 -2.48 -13.43
N LEU A 339 16.87 -1.18 -13.14
CA LEU A 339 16.32 -0.21 -14.08
C LEU A 339 17.33 0.09 -15.19
N GLU A 340 16.81 0.59 -16.31
CA GLU A 340 17.65 0.89 -17.47
C GLU A 340 18.74 1.88 -17.10
N ASN A 341 19.94 1.65 -17.63
CA ASN A 341 21.13 2.49 -17.37
C ASN A 341 21.48 2.55 -15.90
N ASN A 342 21.20 1.48 -15.15
CA ASN A 342 21.46 1.47 -13.73
C ASN A 342 21.99 0.11 -13.30
N THR A 343 22.58 0.08 -12.11
CA THR A 343 23.04 -1.13 -11.45
C THR A 343 22.25 -1.29 -10.15
N VAL A 344 22.01 -2.53 -9.77
CA VAL A 344 21.33 -2.85 -8.51
C VAL A 344 22.28 -2.67 -7.35
N LYS A 345 21.76 -2.19 -6.22
CA LYS A 345 22.55 -2.06 -5.01
C LYS A 345 22.36 -3.24 -4.06
N GLY A 346 21.24 -3.96 -4.19
CA GLY A 346 20.98 -5.12 -3.36
C GLY A 346 19.55 -5.14 -2.88
N GLY A 347 18.88 -6.28 -3.00
CA GLY A 347 17.48 -6.32 -2.61
C GLY A 347 16.69 -5.26 -3.34
N ASN A 348 15.68 -4.71 -2.68
CA ASN A 348 14.89 -3.65 -3.27
C ASN A 348 15.64 -2.33 -3.13
N ASP A 349 15.51 -1.47 -4.14
CA ASP A 349 16.17 -0.17 -4.17
C ASP A 349 15.11 0.90 -4.40
N ALA A 350 15.48 2.15 -4.15
CA ALA A 350 14.67 3.29 -4.54
C ALA A 350 15.10 3.78 -5.91
N TYR A 351 14.26 4.61 -6.53
CA TYR A 351 14.64 5.27 -7.75
C TYR A 351 13.95 6.63 -7.84
N LEU A 352 14.55 7.48 -8.66
CA LEU A 352 14.00 8.77 -9.05
C LEU A 352 14.14 8.84 -10.55
N ALA A 353 13.09 9.27 -11.24
CA ALA A 353 13.19 9.45 -12.69
C ALA A 353 12.63 10.81 -13.07
N LYS A 354 13.01 11.27 -14.25
CA LYS A 354 12.59 12.56 -14.79
C LYS A 354 11.98 12.32 -16.17
N TYR A 355 10.74 12.81 -16.36
CA TYR A 355 10.07 12.82 -17.65
C TYR A 355 9.88 14.25 -18.11
N ASP A 356 10.07 14.51 -19.39
CA ASP A 356 9.76 15.85 -19.89
C ASP A 356 8.27 15.94 -20.21
N SER A 357 7.85 17.13 -20.64
CA SER A 357 6.43 17.37 -20.88
CA SER A 357 6.44 17.39 -20.90
C SER A 357 5.89 16.55 -22.04
N ASP A 358 6.77 16.01 -22.88
CA ASP A 358 6.36 15.23 -24.03
C ASP A 358 6.38 13.73 -23.76
N GLY A 359 6.70 13.32 -22.55
CA GLY A 359 6.71 11.91 -22.20
C GLY A 359 8.03 11.23 -22.40
N ASN A 360 9.09 11.97 -22.73
CA ASN A 360 10.39 11.35 -22.92
C ASN A 360 11.03 11.13 -21.56
N GLN A 361 11.53 9.93 -21.32
CA GLN A 361 12.25 9.64 -20.10
C GLN A 361 13.65 10.24 -20.20
N VAL A 362 13.91 11.28 -19.41
CA VAL A 362 15.17 11.99 -19.50
C VAL A 362 16.29 11.21 -18.81
N TRP A 363 16.03 10.70 -17.62
CA TRP A 363 16.97 9.86 -16.91
C TRP A 363 16.23 9.12 -15.80
N ILE A 364 16.90 8.11 -15.28
CA ILE A 364 16.43 7.31 -14.13
CA ILE A 364 16.42 7.38 -14.11
C ILE A 364 17.65 7.07 -13.25
N LYS A 365 17.52 7.29 -11.95
CA LYS A 365 18.62 7.06 -11.00
C LYS A 365 18.15 6.06 -9.96
N GLN A 366 18.81 4.91 -9.90
CA GLN A 366 18.50 3.88 -8.91
C GLN A 366 19.50 4.01 -7.77
N ASN A 367 19.02 4.03 -6.53
CA ASN A 367 19.94 4.19 -5.41
C ASN A 367 19.49 3.33 -4.25
N GLY A 368 20.44 3.04 -3.35
CA GLY A 368 20.09 2.25 -2.19
C GLY A 368 21.32 1.60 -1.59
N THR A 369 21.06 0.62 -0.75
CA THR A 369 22.06 -0.18 -0.05
C THR A 369 21.87 -1.63 -0.41
N TYR A 370 22.75 -2.48 0.16
CA TYR A 370 22.69 -3.92 -0.02
C TYR A 370 21.36 -4.50 0.46
N THR A 371 20.61 -3.77 1.30
CA THR A 371 19.38 -4.30 1.88
C THR A 371 18.16 -3.50 1.42
N LEU A 372 17.05 -3.59 2.15
CA LEU A 372 15.76 -3.11 1.68
CA LEU A 372 15.76 -3.11 1.69
C LEU A 372 15.63 -1.60 1.83
N GLU A 373 15.32 -0.93 0.72
CA GLU A 373 14.86 0.46 0.69
C GLU A 373 13.41 0.51 0.20
N GLU A 374 12.65 1.44 0.76
CA GLU A 374 11.34 1.84 0.27
CA GLU A 374 11.36 1.83 0.22
C GLU A 374 11.38 3.34 0.05
N SER A 375 10.64 3.82 -0.93
CA SER A 375 10.52 5.25 -1.16
C SER A 375 9.13 5.54 -1.71
N TYR A 376 8.35 6.31 -0.97
CA TYR A 376 6.98 6.59 -1.35
C TYR A 376 6.72 8.06 -1.66
N LYS A 377 7.71 8.94 -1.53
CA LYS A 377 7.47 10.38 -1.49
C LYS A 377 8.51 11.13 -2.29
N ILE A 378 8.06 12.26 -2.87
CA ILE A 378 8.94 13.15 -3.62
C ILE A 378 8.39 14.57 -3.53
N THR A 379 9.28 15.55 -3.57
CA THR A 379 8.88 16.95 -3.65
C THR A 379 9.89 17.69 -4.50
N VAL A 380 9.46 18.82 -5.08
CA VAL A 380 10.33 19.66 -5.90
C VAL A 380 10.24 21.07 -5.34
N ASP A 381 11.39 21.71 -5.14
CA ASP A 381 11.39 23.06 -4.59
C ASP A 381 11.26 24.08 -5.72
N SER A 382 11.17 25.36 -5.36
CA SER A 382 10.99 26.42 -6.34
C SER A 382 12.26 26.69 -7.13
N SER A 383 13.40 26.17 -6.70
CA SER A 383 14.62 26.27 -7.45
C SER A 383 14.77 25.14 -8.47
N GLY A 384 13.86 24.17 -8.46
CA GLY A 384 13.95 23.05 -9.35
C GLY A 384 14.72 21.86 -8.82
N ASN A 385 15.22 21.93 -7.58
CA ASN A 385 15.82 20.76 -6.97
C ASN A 385 14.74 19.80 -6.52
N ILE A 386 15.14 18.54 -6.32
CA ILE A 386 14.21 17.44 -6.12
C ILE A 386 14.61 16.70 -4.85
N TYR A 387 13.63 16.36 -4.02
CA TYR A 387 13.90 15.59 -2.81
C TYR A 387 13.04 14.35 -2.81
N THR A 388 13.67 13.20 -2.66
CA THR A 388 12.95 11.96 -2.38
C THR A 388 13.05 11.66 -0.89
N ALA A 389 12.16 10.78 -0.44
CA ALA A 389 12.21 10.35 0.94
C ALA A 389 11.74 8.90 1.00
N GLY A 390 12.17 8.20 2.04
CA GLY A 390 11.85 6.80 2.16
C GLY A 390 12.41 6.26 3.45
N HIS A 391 12.54 4.93 3.50
CA HIS A 391 13.14 4.28 4.65
C HIS A 391 14.04 3.16 4.19
N THR A 392 15.01 2.84 5.03
CA THR A 392 16.03 1.87 4.68
C THR A 392 16.41 1.01 5.88
N PHE A 393 16.64 -0.27 5.59
CA PHE A 393 17.22 -1.18 6.55
C PHE A 393 18.74 -1.10 6.60
N GLY A 394 19.36 -0.28 5.75
CA GLY A 394 20.80 -0.18 5.65
C GLY A 394 21.33 1.15 6.13
N SER A 395 22.51 1.49 5.64
CA SER A 395 23.25 2.69 6.05
C SER A 395 23.39 3.55 4.82
N LEU A 396 22.30 4.23 4.46
CA LEU A 396 22.23 5.01 3.23
C LEU A 396 22.78 6.42 3.43
N GLY A 397 22.25 7.15 4.40
CA GLY A 397 22.75 8.50 4.66
C GLY A 397 23.76 8.55 5.79
N GLY A 398 23.92 7.42 6.47
CA GLY A 398 24.81 7.28 7.59
C GLY A 398 24.54 5.93 8.21
N PRO A 399 25.24 5.59 9.29
CA PRO A 399 25.02 4.28 9.93
C PRO A 399 23.57 4.14 10.39
N ASN A 400 22.96 2.99 10.08
CA ASN A 400 21.63 2.71 10.59
C ASN A 400 21.68 2.70 12.11
N GLN A 401 20.61 3.17 12.76
CA GLN A 401 20.58 3.19 14.22
C GLN A 401 20.66 1.78 14.81
N ASN A 402 20.27 0.77 14.05
CA ASN A 402 20.30 -0.63 14.48
C ASN A 402 21.21 -1.35 13.49
N LEU A 403 22.51 -1.41 13.83
CA LEU A 403 23.53 -1.86 12.89
C LEU A 403 23.75 -3.36 12.89
N GLU A 404 23.81 -3.96 14.07
CA GLU A 404 24.11 -5.38 14.19
C GLU A 404 23.52 -5.87 15.49
N GLN A 405 23.49 -7.20 15.65
CA GLN A 405 22.92 -7.79 16.84
C GLN A 405 23.96 -7.78 17.96
N GLY A 406 23.64 -7.12 19.06
CA GLY A 406 24.45 -7.16 20.26
C GLY A 406 23.95 -8.22 21.21
N GLU A 407 24.25 -8.03 22.50
CA GLU A 407 23.76 -8.94 23.52
C GLU A 407 22.23 -8.89 23.63
N VAL A 408 21.64 -7.74 23.34
CA VAL A 408 20.19 -7.57 23.35
C VAL A 408 19.73 -7.54 21.89
N PHE A 409 19.00 -8.56 21.48
CA PHE A 409 18.53 -8.63 20.10
C PHE A 409 17.50 -7.54 19.83
N GLU A 410 17.68 -6.82 18.73
CA GLU A 410 16.73 -5.85 18.24
C GLU A 410 16.46 -6.19 16.78
N LEU A 411 15.21 -6.45 16.44
CA LEU A 411 14.86 -6.90 15.10
C LEU A 411 15.33 -5.86 14.08
N PRO A 412 15.87 -6.28 12.94
CA PRO A 412 16.27 -5.32 11.90
C PRO A 412 15.13 -4.34 11.62
N SER A 413 15.50 -3.08 11.41
CA SER A 413 14.49 -2.03 11.39
C SER A 413 14.91 -0.88 10.48
N THR A 414 13.90 -0.14 10.04
CA THR A 414 14.09 0.98 9.14
C THR A 414 14.53 2.23 9.89
N ASP A 415 15.29 3.06 9.19
CA ASP A 415 15.45 4.47 9.51
C ASP A 415 14.85 5.26 8.35
N GLY A 416 14.50 6.51 8.62
CA GLY A 416 14.02 7.39 7.58
C GLY A 416 15.19 8.03 6.85
N TYR A 417 14.95 8.40 5.59
CA TYR A 417 15.96 9.16 4.84
C TYR A 417 15.30 10.19 3.95
N VAL A 418 16.08 11.22 3.61
CA VAL A 418 15.73 12.22 2.62
C VAL A 418 16.95 12.38 1.73
N ALA A 419 16.75 12.39 0.42
CA ALA A 419 17.85 12.58 -0.52
C ALA A 419 17.53 13.76 -1.43
N LYS A 420 18.52 14.63 -1.64
CA LYS A 420 18.35 15.82 -2.45
C LYS A 420 19.13 15.67 -3.75
N PHE A 421 18.49 16.04 -4.86
CA PHE A 421 19.07 15.90 -6.20
C PHE A 421 18.96 17.23 -6.94
N ASP A 422 19.89 17.45 -7.88
CA ASP A 422 19.72 18.55 -8.81
C ASP A 422 18.91 18.08 -10.03
N SER A 423 18.64 19.00 -10.96
CA SER A 423 17.76 18.73 -12.09
C SER A 423 18.38 17.74 -13.07
N ASN A 424 19.66 17.41 -12.92
CA ASN A 424 20.29 16.39 -13.73
C ASN A 424 20.39 15.05 -13.00
N GLY A 425 19.77 14.93 -11.83
CA GLY A 425 19.81 13.68 -11.10
C GLY A 425 21.06 13.44 -10.29
N ASN A 426 21.96 14.42 -10.18
CA ASN A 426 23.10 14.28 -9.30
C ASN A 426 22.65 14.39 -7.86
N GLN A 427 23.09 13.45 -7.02
CA GLN A 427 22.75 13.50 -5.61
C GLN A 427 23.57 14.57 -4.92
N LEU A 428 22.89 15.50 -4.26
CA LEU A 428 23.57 16.56 -3.52
C LEU A 428 23.88 16.14 -2.09
N TRP A 429 22.96 15.44 -1.44
CA TRP A 429 23.18 14.85 -0.13
C TRP A 429 22.08 13.85 0.18
N VAL A 430 22.36 13.01 1.19
CA VAL A 430 21.37 12.09 1.77
CA VAL A 430 21.36 12.12 1.75
C VAL A 430 21.47 12.18 3.28
N ALA A 431 20.32 12.35 3.94
CA ALA A 431 20.25 12.43 5.39
C ALA A 431 19.48 11.22 5.88
N GLN A 432 19.95 10.61 6.96
CA GLN A 432 19.29 9.45 7.54
C GLN A 432 19.16 9.67 9.04
N PHE A 433 18.05 9.23 9.62
CA PHE A 433 17.76 9.54 11.02
C PHE A 433 16.70 8.60 11.55
N GLY A 434 16.61 8.50 12.87
CA GLY A 434 15.58 7.71 13.49
C GLY A 434 16.02 7.18 14.84
N THR A 435 15.41 6.06 15.24
CA THR A 435 15.65 5.37 16.50
C THR A 435 16.14 3.96 16.20
N ILE A 436 16.46 3.21 17.26
CA ILE A 436 16.85 1.82 17.11
C ILE A 436 15.75 0.95 16.51
N THR A 437 14.49 1.39 16.58
CA THR A 437 13.38 0.57 16.11
C THR A 437 12.85 1.12 14.78
N LEU A 438 11.62 0.73 14.43
CA LEU A 438 11.01 1.13 13.15
C LEU A 438 10.81 2.65 13.08
N ASP A 439 11.31 3.25 11.99
CA ASP A 439 11.01 4.64 11.64
C ASP A 439 10.77 4.65 10.13
N ASP A 440 9.52 4.80 9.71
CA ASP A 440 9.15 4.80 8.31
C ASP A 440 8.86 6.22 7.87
N ASN A 441 9.18 6.55 6.62
CA ASN A 441 8.84 7.85 6.06
C ASN A 441 7.49 7.79 5.37
N TRP A 442 6.65 8.80 5.63
CA TRP A 442 5.42 9.01 4.88
C TRP A 442 5.22 10.50 4.66
N GLY A 443 6.24 11.17 4.10
CA GLY A 443 6.06 12.54 3.70
C GLY A 443 7.33 13.33 3.49
N VAL A 444 7.33 14.19 2.48
CA VAL A 444 8.45 15.10 2.24
C VAL A 444 7.89 16.37 1.63
N ALA A 445 8.42 17.53 2.04
CA ALA A 445 7.88 18.78 1.53
C ALA A 445 8.90 19.90 1.73
N ALA A 446 9.21 20.61 0.66
CA ALA A 446 10.14 21.73 0.73
C ALA A 446 9.37 23.02 1.05
N ASP A 447 10.05 23.95 1.73
CA ASP A 447 9.52 25.31 1.90
C ASP A 447 10.11 26.22 0.82
N ASN A 448 9.87 27.52 0.94
CA ASN A 448 10.42 28.47 -0.03
C ASN A 448 11.79 28.99 0.36
N ASN A 449 12.35 28.52 1.49
CA ASN A 449 13.54 29.13 2.06
C ASN A 449 14.71 28.16 2.15
N GLY A 450 14.70 27.10 1.35
CA GLY A 450 15.79 26.17 1.29
C GLY A 450 15.70 24.99 2.23
N ASN A 451 14.66 24.91 3.05
CA ASN A 451 14.52 23.81 3.98
C ASN A 451 13.62 22.72 3.40
N VAL A 452 13.69 21.54 4.01
CA VAL A 452 12.82 20.45 3.60
C VAL A 452 12.35 19.72 4.85
N PHE A 453 11.08 19.38 4.87
CA PHE A 453 10.50 18.63 5.97
C PHE A 453 10.27 17.18 5.57
N ALA A 454 10.41 16.29 6.55
CA ALA A 454 10.09 14.88 6.38
C ALA A 454 9.17 14.47 7.52
N GLY A 455 8.34 13.48 7.27
CA GLY A 455 7.41 13.01 8.30
C GLY A 455 7.20 11.52 8.15
N GLY A 456 6.79 10.90 9.25
CA GLY A 456 6.43 9.50 9.17
C GLY A 456 5.98 8.90 10.48
N ASN A 457 6.18 7.59 10.62
CA ASN A 457 5.77 6.83 11.78
C ASN A 457 6.99 6.27 12.49
N THR A 458 6.88 6.17 13.81
CA THR A 458 7.92 5.51 14.59
C THR A 458 7.33 4.67 15.69
N LYS A 459 7.95 3.51 15.95
CA LYS A 459 7.64 2.73 17.14
C LYS A 459 8.41 3.21 18.35
N GLY A 460 9.36 4.14 18.15
CA GLY A 460 10.27 4.53 19.19
C GLY A 460 9.98 5.91 19.77
N SER A 461 10.97 6.45 20.46
CA SER A 461 10.95 7.79 21.03
C SER A 461 11.98 8.59 20.26
N PHE A 462 11.54 9.18 19.15
CA PHE A 462 12.41 9.88 18.20
C PHE A 462 12.47 11.36 18.53
N GLY A 463 11.32 12.03 18.52
CA GLY A 463 11.28 13.45 18.86
C GLY A 463 10.61 13.74 20.20
N ALA A 464 10.17 12.70 20.89
CA ALA A 464 9.50 12.83 22.18
C ALA A 464 9.40 11.44 22.77
N LYS A 465 9.07 11.37 24.07
CA LYS A 465 8.84 10.08 24.70
C LYS A 465 7.55 9.49 24.16
N ASN A 466 7.63 8.27 23.63
CA ASN A 466 6.44 7.56 23.19
C ASN A 466 5.68 7.09 24.42
N THR A 467 4.38 7.42 24.48
CA THR A 467 3.54 7.05 25.61
C THR A 467 2.86 5.71 25.45
N GLY A 468 2.96 5.09 24.28
CA GLY A 468 2.42 3.75 24.12
C GLY A 468 3.19 2.78 25.00
N THR A 469 2.48 1.80 25.56
CA THR A 469 3.14 0.83 26.43
C THR A 469 3.72 -0.34 25.67
N ALA A 470 3.45 -0.44 24.37
CA ALA A 470 3.87 -1.59 23.59
C ALA A 470 4.34 -1.17 22.21
N GLY A 471 5.00 -0.02 22.12
CA GLY A 471 5.60 0.39 20.87
C GLY A 471 4.62 0.75 19.77
N GLU A 472 3.42 1.18 20.14
CA GLU A 472 2.47 1.67 19.15
C GLU A 472 3.04 2.89 18.44
N TYR A 473 2.63 3.07 17.20
CA TYR A 473 3.20 4.13 16.37
C TYR A 473 2.86 5.51 16.92
N ASP A 474 3.81 6.43 16.78
CA ASP A 474 3.56 7.86 16.85
C ASP A 474 3.96 8.47 15.52
N ALA A 475 3.49 9.69 15.28
CA ALA A 475 3.91 10.47 14.12
C ALA A 475 5.14 11.28 14.47
N TRP A 476 6.01 11.48 13.47
CA TRP A 476 7.18 12.31 13.65
C TRP A 476 7.34 13.28 12.48
N LEU A 477 8.01 14.40 12.76
CA LEU A 477 8.35 15.40 11.75
C LEU A 477 9.79 15.83 11.96
N VAL A 478 10.52 15.99 10.87
CA VAL A 478 11.90 16.46 10.90
C VAL A 478 12.02 17.65 9.96
N LYS A 479 12.69 18.71 10.41
CA LYS A 479 13.04 19.82 9.54
C LYS A 479 14.53 19.75 9.24
N LEU A 480 14.88 19.69 7.95
CA LEU A 480 16.27 19.71 7.50
C LEU A 480 16.58 21.03 6.80
N ASN A 481 17.83 21.49 6.95
CA ASN A 481 18.25 22.71 6.26
C ASN A 481 18.71 22.38 4.83
N LYS A 482 19.20 23.42 4.13
CA LYS A 482 19.60 23.26 2.74
CA LYS A 482 19.60 23.27 2.74
C LYS A 482 20.73 22.27 2.57
N ASP A 483 21.49 21.99 3.61
CA ASP A 483 22.62 21.07 3.54
C ASP A 483 22.29 19.71 4.11
N GLY A 484 21.03 19.48 4.48
CA GLY A 484 20.60 18.20 4.97
C GLY A 484 20.87 17.96 6.43
N GLN A 485 21.21 19.00 7.19
CA GLN A 485 21.40 18.92 8.63
C GLN A 485 20.06 19.16 9.32
N THR A 486 19.83 18.45 10.42
CA THR A 486 18.55 18.59 11.12
CA THR A 486 18.56 18.58 11.14
C THR A 486 18.53 19.87 11.94
N ASP A 487 17.40 20.58 11.87
CA ASP A 487 17.16 21.71 12.75
C ASP A 487 16.31 21.32 13.94
N TRP A 488 15.37 20.39 13.76
CA TRP A 488 14.59 19.85 14.88
C TRP A 488 13.89 18.57 14.45
N VAL A 489 13.49 17.80 15.47
CA VAL A 489 12.68 16.59 15.33
C VAL A 489 11.50 16.75 16.29
N ARG A 490 10.30 16.46 15.80
CA ARG A 490 9.12 16.53 16.64
C ARG A 490 8.37 15.21 16.55
N GLN A 491 7.59 14.91 17.58
CA GLN A 491 6.84 13.67 17.61
C GLN A 491 5.55 13.94 18.37
N PHE A 492 4.46 13.40 17.86
CA PHE A 492 3.16 13.59 18.50
C PHE A 492 2.34 12.33 18.34
N GLY A 493 1.41 12.13 19.26
CA GLY A 493 0.59 10.93 19.21
C GLY A 493 -0.19 10.73 20.49
N THR A 494 -0.94 9.63 20.49
CA THR A 494 -1.67 9.09 21.63
C THR A 494 -0.97 7.81 22.08
N PRO A 495 -1.39 7.18 23.17
CA PRO A 495 -0.83 5.86 23.52
C PRO A 495 -1.21 4.76 22.56
N ASN A 496 -2.12 5.01 21.62
CA ASN A 496 -2.53 4.02 20.63
C ASN A 496 -1.74 4.27 19.34
N TYR A 497 -2.10 3.54 18.28
CA TYR A 497 -1.45 3.76 17.00
C TYR A 497 -1.93 5.08 16.40
N ASP A 498 -0.98 5.90 15.95
CA ASP A 498 -1.23 7.06 15.11
C ASP A 498 -0.32 6.92 13.91
N PHE A 499 -0.85 7.15 12.71
CA PHE A 499 -0.17 6.79 11.47
C PHE A 499 -0.27 7.97 10.52
N MET A 500 0.87 8.46 10.03
CA MET A 500 0.88 9.58 9.10
C MET A 500 1.00 9.05 7.68
N TRP A 501 0.28 9.69 6.73
CA TRP A 501 0.36 9.33 5.32
C TRP A 501 1.07 10.36 4.44
N ASP A 502 0.95 11.66 4.74
CA ASP A 502 1.53 12.66 3.83
C ASP A 502 1.69 13.98 4.58
N ILE A 503 2.58 14.84 4.05
CA ILE A 503 2.79 16.18 4.59
C ILE A 503 2.89 17.17 3.45
N GLU A 504 2.68 18.45 3.77
CA GLU A 504 2.84 19.51 2.78
C GLU A 504 3.02 20.85 3.48
N THR A 505 3.72 21.78 2.83
CA THR A 505 3.91 23.12 3.37
C THR A 505 2.93 24.11 2.74
N ASP A 506 2.68 25.21 3.46
CA ASP A 506 1.93 26.32 2.89
C ASP A 506 2.87 27.44 2.47
N SER A 507 2.28 28.54 1.98
CA SER A 507 3.09 29.63 1.43
C SER A 507 3.91 30.33 2.49
N LEU A 508 3.57 30.16 3.76
CA LEU A 508 4.33 30.75 4.86
CA LEU A 508 4.31 30.74 4.87
C LEU A 508 5.43 29.84 5.37
N GLY A 509 5.54 28.62 4.86
CA GLY A 509 6.55 27.71 5.32
C GLY A 509 6.12 26.84 6.48
N ASP A 510 4.88 26.95 6.92
CA ASP A 510 4.40 26.06 7.98
C ASP A 510 4.14 24.68 7.39
N ILE A 511 4.17 23.66 8.25
CA ILE A 511 4.14 22.27 7.78
C ILE A 511 2.87 21.59 8.31
N TYR A 512 2.19 20.87 7.43
CA TYR A 512 0.95 20.19 7.77
C TYR A 512 1.11 18.70 7.49
N ALA A 513 0.54 17.87 8.36
CA ALA A 513 0.60 16.43 8.20
C ALA A 513 -0.80 15.87 8.36
N THR A 514 -1.09 14.78 7.64
CA THR A 514 -2.37 14.11 7.78
C THR A 514 -2.16 12.61 7.98
N GLY A 515 -3.04 12.02 8.78
CA GLY A 515 -3.00 10.59 9.03
C GLY A 515 -4.27 10.11 9.70
N TRP A 516 -4.20 8.91 10.25
CA TRP A 516 -5.30 8.38 11.04
C TRP A 516 -4.83 8.10 12.47
N THR A 517 -5.79 7.96 13.37
CA THR A 517 -5.49 7.60 14.74
C THR A 517 -6.57 6.67 15.26
N LEU A 518 -6.16 5.74 16.11
CA LEU A 518 -7.10 4.93 16.87
C LEU A 518 -7.38 5.53 18.25
N GLY A 519 -6.73 6.64 18.59
CA GLY A 519 -6.94 7.26 19.88
C GLY A 519 -7.53 8.65 19.80
N ASP A 520 -7.37 9.41 20.88
CA ASP A 520 -7.88 10.79 20.99
C ASP A 520 -6.72 11.74 20.74
N LEU A 521 -6.43 12.01 19.47
CA LEU A 521 -5.27 12.82 19.14
C LEU A 521 -5.61 14.31 19.08
N GLY A 522 -6.57 14.68 18.25
CA GLY A 522 -7.07 16.04 18.16
C GLY A 522 -8.38 16.25 18.90
N GLY A 523 -8.93 15.21 19.51
CA GLY A 523 -10.23 15.26 20.13
C GLY A 523 -10.69 13.85 20.42
N LYS A 524 -11.93 13.72 20.90
CA LYS A 524 -12.46 12.41 21.23
CA LYS A 524 -12.48 12.42 21.23
C LYS A 524 -12.69 11.59 19.96
N ASN A 525 -12.16 10.37 19.97
CA ASN A 525 -12.30 9.49 18.82
C ASN A 525 -13.77 9.08 18.65
N ALA A 526 -14.29 9.22 17.42
CA ALA A 526 -15.68 8.92 17.15
C ALA A 526 -15.94 7.42 17.02
N GLY A 527 -14.88 6.65 16.84
CA GLY A 527 -14.96 5.21 16.71
C GLY A 527 -13.97 4.73 15.68
N SER A 528 -13.32 3.60 15.96
CA SER A 528 -12.43 2.98 14.97
C SER A 528 -11.32 3.97 14.57
N TYR A 529 -10.93 3.98 13.31
CA TYR A 529 -9.96 4.93 12.78
C TYR A 529 -10.64 6.27 12.57
N ASP A 530 -9.97 7.35 12.95
CA ASP A 530 -10.40 8.71 12.64
C ASP A 530 -9.29 9.43 11.88
N VAL A 531 -9.64 10.49 11.18
CA VAL A 531 -8.69 11.31 10.43
C VAL A 531 -8.14 12.41 11.33
N TRP A 532 -6.86 12.76 11.15
CA TRP A 532 -6.32 13.95 11.79
C TRP A 532 -5.53 14.79 10.80
N LEU A 533 -5.48 16.07 11.08
CA LEU A 533 -4.67 17.05 10.34
C LEU A 533 -3.95 17.88 11.39
N ALA A 534 -2.63 17.93 11.31
CA ALA A 534 -1.80 18.62 12.29
C ALA A 534 -0.99 19.70 11.60
N LYS A 535 -0.79 20.82 12.29
CA LYS A 535 0.00 21.92 11.74
C LYS A 535 1.09 22.29 12.73
N TYR A 536 2.32 22.43 12.23
CA TYR A 536 3.46 22.92 13.01
C TYR A 536 4.01 24.15 12.32
N ASN A 537 4.60 25.06 13.10
CA ASN A 537 5.27 26.19 12.48
C ASN A 537 6.72 25.84 12.16
N THR A 538 7.41 26.75 11.47
CA THR A 538 8.76 26.46 11.02
C THR A 538 9.75 26.30 12.19
N ASN A 539 9.37 26.74 13.38
CA ASN A 539 10.25 26.61 14.55
C ASN A 539 9.87 25.44 15.43
N GLY A 540 9.06 24.52 14.91
CA GLY A 540 8.79 23.29 15.61
C GLY A 540 7.68 23.36 16.64
N ASN A 541 6.92 24.44 16.71
CA ASN A 541 5.81 24.57 17.65
CA ASN A 541 5.82 24.53 17.65
C ASN A 541 4.55 23.97 17.03
N GLN A 542 3.86 23.11 17.77
CA GLN A 542 2.61 22.56 17.31
C GLN A 542 1.54 23.63 17.46
N LEU A 543 0.85 23.94 16.35
CA LEU A 543 -0.18 24.97 16.36
C LEU A 543 -1.57 24.40 16.65
N TRP A 544 -1.91 23.26 16.04
CA TRP A 544 -3.20 22.62 16.30
C TRP A 544 -3.23 21.24 15.66
N ILE A 545 -4.16 20.42 16.14
CA ILE A 545 -4.50 19.15 15.50
C ILE A 545 -6.01 19.07 15.44
N LYS A 546 -6.56 18.90 14.25
CA LYS A 546 -7.98 18.62 14.07
C LYS A 546 -8.16 17.13 13.87
N GLN A 547 -9.21 16.59 14.47
CA GLN A 547 -9.56 15.18 14.31
C GLN A 547 -11.04 15.11 13.97
N PHE A 548 -11.40 14.25 13.02
CA PHE A 548 -12.78 14.12 12.58
C PHE A 548 -13.02 12.73 12.01
N GLY A 549 -14.29 12.35 11.95
CA GLY A 549 -14.61 11.05 11.40
C GLY A 549 -16.03 10.67 11.72
N THR A 550 -16.31 9.38 11.50
CA THR A 550 -17.57 8.75 11.85
C THR A 550 -17.28 7.67 12.89
N SER A 551 -18.34 7.00 13.33
CA SER A 551 -18.20 5.86 14.22
C SER A 551 -17.44 4.71 13.53
N GLU A 552 -17.33 4.74 12.20
CA GLU A 552 -16.69 3.66 11.46
C GLU A 552 -15.25 4.05 11.11
N ASP A 553 -14.72 3.40 10.09
CA ASP A 553 -13.30 3.47 9.76
C ASP A 553 -13.08 4.60 8.75
N ASP A 554 -12.41 5.68 9.19
CA ASP A 554 -12.09 6.83 8.34
C ASP A 554 -10.59 7.09 8.37
N ALA A 555 -9.98 7.29 7.20
CA ALA A 555 -8.55 7.56 7.16
C ALA A 555 -8.19 8.25 5.86
N PRO A 556 -7.18 9.12 5.85
CA PRO A 556 -6.53 9.47 4.59
C PRO A 556 -5.74 8.26 4.09
N PHE A 557 -5.19 8.37 2.88
CA PHE A 557 -4.44 7.22 2.34
C PHE A 557 -3.41 7.69 1.33
N LEU A 558 -2.18 7.16 1.44
CA LEU A 558 -1.10 7.43 0.49
C LEU A 558 -0.86 8.93 0.30
N ASP A 559 -1.12 9.45 -0.90
CA ASP A 559 -0.85 10.86 -1.22
C ASP A 559 -2.02 11.71 -0.75
N GLY A 560 -2.17 11.79 0.57
CA GLY A 560 -3.40 12.24 1.17
C GLY A 560 -3.55 13.72 1.45
N ILE A 561 -2.55 14.57 1.16
CA ILE A 561 -2.68 16.00 1.36
C ILE A 561 -2.11 16.75 0.16
N ASP A 562 -2.73 17.88 -0.16
CA ASP A 562 -2.15 18.86 -1.05
C ASP A 562 -2.56 20.25 -0.56
N ILE A 563 -1.76 21.26 -0.92
CA ILE A 563 -2.02 22.65 -0.52
C ILE A 563 -1.89 23.55 -1.74
N ASP A 564 -2.90 24.36 -2.02
CA ASP A 564 -2.87 25.20 -3.20
C ASP A 564 -2.21 26.56 -2.90
N ALA A 565 -2.16 27.42 -3.91
CA ALA A 565 -1.50 28.71 -3.78
C ALA A 565 -2.25 29.67 -2.88
N ASN A 566 -3.53 29.40 -2.61
CA ASN A 566 -4.30 30.20 -1.66
C ASN A 566 -4.18 29.64 -0.25
N ASP A 567 -3.33 28.63 -0.05
CA ASP A 567 -3.14 27.99 1.24
C ASP A 567 -4.40 27.25 1.71
N ASN A 568 -5.19 26.76 0.75
CA ASN A 568 -6.24 25.82 1.07
C ASN A 568 -5.64 24.42 1.13
N ILE A 569 -6.05 23.66 2.13
CA ILE A 569 -5.55 22.31 2.36
C ILE A 569 -6.63 21.34 1.88
N PHE A 570 -6.22 20.32 1.12
CA PHE A 570 -7.13 19.29 0.66
C PHE A 570 -6.64 17.94 1.16
N LEU A 571 -7.56 17.12 1.68
CA LEU A 571 -7.25 15.79 2.19
C LEU A 571 -8.07 14.74 1.42
N THR A 572 -7.55 13.53 1.35
CA THR A 572 -8.32 12.48 0.70
C THR A 572 -7.96 11.13 1.28
N GLY A 573 -8.88 10.17 1.14
CA GLY A 573 -8.63 8.81 1.59
C GLY A 573 -9.84 7.92 1.39
N ASN A 574 -10.11 7.06 2.38
CA ASN A 574 -11.26 6.17 2.32
C ASN A 574 -12.01 6.17 3.64
N THR A 575 -13.24 5.65 3.58
CA THR A 575 -14.07 5.47 4.76
C THR A 575 -15.05 4.34 4.48
N ASN A 576 -15.38 3.55 5.52
CA ASN A 576 -16.51 2.64 5.41
C ASN A 576 -17.71 3.12 6.21
N GLY A 577 -17.73 4.41 6.58
CA GLY A 577 -18.87 5.03 7.19
C GLY A 577 -19.56 6.02 6.27
N ASN A 578 -20.49 6.77 6.87
CA ASN A 578 -21.23 7.82 6.16
C ASN A 578 -20.58 9.18 6.46
N LEU A 579 -19.38 9.36 5.91
CA LEU A 579 -18.56 10.50 6.29
C LEU A 579 -18.97 11.77 5.56
N GLY A 580 -19.00 11.72 4.23
CA GLY A 580 -19.42 12.88 3.46
C GLY A 580 -20.80 12.70 2.87
N GLY A 581 -21.38 11.54 3.12
CA GLY A 581 -22.69 11.19 2.59
C GLY A 581 -22.98 9.73 2.91
N ALA A 582 -24.11 9.25 2.39
CA ALA A 582 -24.46 7.85 2.60
C ALA A 582 -23.46 6.95 1.90
N ASN A 583 -22.95 5.97 2.63
CA ASN A 583 -21.93 5.07 2.07
C ASN A 583 -22.55 4.21 0.97
N ALA A 584 -21.84 4.12 -0.17
CA ALA A 584 -22.36 3.39 -1.31
C ALA A 584 -22.18 1.88 -1.19
N GLY A 585 -21.29 1.45 -0.31
CA GLY A 585 -20.97 0.05 -0.10
C GLY A 585 -19.48 -0.12 0.13
N SER A 586 -19.11 -1.00 1.06
CA SER A 586 -17.68 -1.26 1.36
C SER A 586 -17.02 0.06 1.76
N TYR A 587 -15.76 0.25 1.40
CA TYR A 587 -15.13 1.55 1.54
C TYR A 587 -15.45 2.40 0.33
N ASP A 588 -15.54 3.70 0.57
CA ASP A 588 -15.72 4.73 -0.43
C ASP A 588 -14.56 5.70 -0.33
N ALA A 589 -14.35 6.47 -1.38
CA ALA A 589 -13.42 7.59 -1.32
C ALA A 589 -14.07 8.78 -0.63
N TRP A 590 -13.24 9.65 -0.03
CA TRP A 590 -13.71 10.93 0.46
C TRP A 590 -12.63 11.98 0.21
N ALA A 591 -13.04 13.24 0.20
CA ALA A 591 -12.11 14.36 0.11
C ALA A 591 -12.65 15.49 0.97
N ALA A 592 -11.75 16.39 1.39
CA ALA A 592 -12.15 17.50 2.24
C ALA A 592 -11.23 18.68 1.96
N LYS A 593 -11.76 19.88 2.22
CA LYS A 593 -11.01 21.12 2.06
C LYS A 593 -11.01 21.85 3.39
N PHE A 594 -9.85 22.38 3.77
CA PHE A 594 -9.65 23.13 5.01
C PHE A 594 -8.97 24.45 4.68
N ASP A 595 -9.18 25.45 5.55
CA ASP A 595 -8.34 26.64 5.44
C ASP A 595 -7.08 26.46 6.29
N LYS A 596 -6.17 27.44 6.20
CA LYS A 596 -4.89 27.29 6.87
C LYS A 596 -5.00 27.31 8.38
N ASP A 597 -6.16 27.68 8.92
CA ASP A 597 -6.38 27.65 10.34
C ASP A 597 -7.11 26.40 10.80
N GLY A 598 -7.30 25.44 9.89
CA GLY A 598 -7.94 24.19 10.25
C GLY A 598 -9.45 24.18 10.19
N ASN A 599 -10.10 25.25 9.74
CA ASN A 599 -11.55 25.21 9.58
C ASN A 599 -11.89 24.37 8.37
N GLN A 600 -12.85 23.47 8.55
CA GLN A 600 -13.28 22.57 7.48
C GLN A 600 -14.33 23.24 6.62
N LEU A 601 -13.98 23.41 5.34
CA LEU A 601 -14.82 24.12 4.38
C LEU A 601 -15.81 23.21 3.68
N TRP A 602 -15.42 21.99 3.33
CA TRP A 602 -16.36 21.00 2.82
C TRP A 602 -15.79 19.60 2.96
N LEU A 603 -16.68 18.62 2.82
CA LEU A 603 -16.37 17.21 3.03
C LEU A 603 -17.31 16.43 2.13
N LYS A 604 -16.76 15.65 1.20
CA LYS A 604 -17.55 14.94 0.19
C LYS A 604 -17.14 13.48 0.16
N GLN A 605 -18.05 12.63 -0.31
CA GLN A 605 -17.80 11.21 -0.39
C GLN A 605 -18.34 10.69 -1.72
N PHE A 606 -17.63 9.73 -2.31
CA PHE A 606 -18.04 9.20 -3.60
C PHE A 606 -17.42 7.84 -3.81
N GLY A 607 -18.00 7.08 -4.72
CA GLY A 607 -17.47 5.75 -4.98
C GLY A 607 -18.55 4.84 -5.55
N THR A 608 -18.31 3.53 -5.43
CA THR A 608 -19.15 2.50 -6.02
C THR A 608 -19.67 1.63 -4.88
N PRO A 609 -20.60 0.71 -5.15
CA PRO A 609 -20.99 -0.28 -4.13
C PRO A 609 -19.86 -1.19 -3.70
N ASP A 610 -18.76 -1.23 -4.43
CA ASP A 610 -17.63 -2.09 -4.13
C ASP A 610 -16.52 -1.29 -3.45
N TYR A 611 -15.39 -1.95 -3.21
CA TYR A 611 -14.28 -1.30 -2.52
C TYR A 611 -13.71 -0.17 -3.37
N ASP A 612 -13.60 1.02 -2.78
CA ASP A 612 -12.89 2.14 -3.39
C ASP A 612 -12.05 2.84 -2.33
N THR A 613 -10.92 3.42 -2.77
CA THR A 613 -10.21 4.39 -1.96
C THR A 613 -9.59 5.43 -2.87
N ALA A 614 -9.61 6.68 -2.44
CA ALA A 614 -8.74 7.66 -3.06
C ALA A 614 -7.31 7.34 -2.66
N THR A 615 -6.36 7.72 -3.52
CA THR A 615 -4.95 7.58 -3.21
C THR A 615 -4.17 8.88 -3.37
N THR A 616 -4.76 9.91 -3.99
CA THR A 616 -4.01 11.12 -4.32
C THR A 616 -4.96 12.28 -4.55
N VAL A 617 -4.51 13.46 -4.17
CA VAL A 617 -5.25 14.70 -4.41
C VAL A 617 -4.29 15.77 -4.89
N THR A 618 -4.64 16.46 -5.97
CA THR A 618 -3.84 17.57 -6.46
C THR A 618 -4.75 18.72 -6.83
N ALA A 619 -4.48 19.90 -6.27
CA ALA A 619 -5.26 21.08 -6.57
C ALA A 619 -4.52 21.92 -7.60
N VAL A 620 -5.26 22.42 -8.59
CA VAL A 620 -4.72 23.39 -9.53
C VAL A 620 -4.92 24.77 -8.94
N ASN A 621 -3.87 25.59 -8.96
CA ASN A 621 -4.02 26.95 -8.45
C ASN A 621 -5.09 27.67 -9.26
N PHE A 622 -6.13 28.13 -8.55
CA PHE A 622 -7.26 28.84 -9.15
C PHE A 622 -8.00 27.99 -10.18
N GLY A 623 -7.88 26.67 -10.12
CA GLY A 623 -8.50 25.77 -11.08
C GLY A 623 -9.20 24.62 -10.39
N LYS A 624 -9.29 23.51 -11.12
CA LYS A 624 -10.01 22.34 -10.63
C LYS A 624 -9.19 21.61 -9.57
N LEU A 625 -9.88 20.81 -8.76
CA LEU A 625 -9.27 19.89 -7.83
C LEU A 625 -9.40 18.49 -8.41
N TYR A 626 -8.33 17.71 -8.39
CA TYR A 626 -8.37 16.33 -8.88
C TYR A 626 -8.18 15.37 -7.71
N VAL A 627 -9.11 14.42 -7.58
CA VAL A 627 -8.99 13.34 -6.63
C VAL A 627 -8.98 12.04 -7.43
N SER A 628 -7.97 11.22 -7.21
CA SER A 628 -7.83 9.98 -7.98
C SER A 628 -7.63 8.81 -7.02
N GLY A 629 -7.90 7.61 -7.52
CA GLY A 629 -7.82 6.44 -6.67
C GLY A 629 -8.07 5.17 -7.44
N ILE A 630 -8.44 4.13 -6.69
CA ILE A 630 -8.52 2.76 -7.16
C ILE A 630 -9.86 2.18 -6.75
N THR A 631 -10.27 1.12 -7.43
CA THR A 631 -11.58 0.55 -7.18
C THR A 631 -11.62 -0.89 -7.66
N GLU A 632 -12.44 -1.69 -6.97
CA GLU A 632 -12.86 -3.00 -7.45
C GLU A 632 -14.18 -2.92 -8.19
N GLY A 633 -14.80 -1.73 -8.21
CA GLY A 633 -16.06 -1.53 -8.89
C GLY A 633 -15.86 -1.01 -10.30
N SER A 634 -16.96 -0.59 -10.91
CA SER A 634 -16.96 -0.01 -12.25
C SER A 634 -17.20 1.48 -12.09
N LEU A 635 -16.12 2.24 -12.03
CA LEU A 635 -16.15 3.67 -11.77
C LEU A 635 -15.66 4.36 -13.03
N GLY A 636 -16.58 5.02 -13.74
CA GLY A 636 -16.29 5.64 -15.01
C GLY A 636 -16.71 4.79 -16.20
N THR A 637 -16.29 3.52 -16.21
CA THR A 637 -16.77 2.53 -17.17
C THR A 637 -16.63 1.15 -16.55
N THR A 638 -17.02 0.13 -17.31
CA THR A 638 -17.01 -1.24 -16.81
C THR A 638 -15.61 -1.65 -16.37
N ASN A 639 -15.52 -2.26 -15.19
CA ASN A 639 -14.23 -2.74 -14.71
C ASN A 639 -13.66 -3.77 -15.68
N ALA A 640 -12.38 -3.62 -16.04
CA ALA A 640 -11.71 -4.50 -16.98
C ALA A 640 -11.05 -5.70 -16.31
N GLY A 641 -10.91 -5.66 -15.00
CA GLY A 641 -10.32 -6.76 -14.27
C GLY A 641 -9.76 -6.30 -12.94
N SER A 642 -10.15 -6.99 -11.87
CA SER A 642 -9.63 -6.75 -10.53
CA SER A 642 -9.65 -6.76 -10.51
C SER A 642 -9.62 -5.26 -10.21
N TYR A 643 -8.47 -4.68 -9.83
CA TYR A 643 -8.40 -3.26 -9.57
C TYR A 643 -8.27 -2.47 -10.86
N ASP A 644 -9.10 -1.45 -11.00
CA ASP A 644 -8.95 -0.40 -12.00
C ASP A 644 -8.77 0.91 -11.25
N SER A 645 -8.48 1.97 -12.00
CA SER A 645 -8.23 3.28 -11.40
C SER A 645 -9.11 4.34 -12.03
N TRP A 646 -9.12 5.51 -11.36
CA TRP A 646 -10.07 6.56 -11.71
C TRP A 646 -9.50 7.91 -11.30
N ALA A 647 -9.90 8.95 -12.03
CA ALA A 647 -9.61 10.32 -11.65
C ALA A 647 -10.91 11.12 -11.74
N LEU A 648 -11.18 11.91 -10.70
CA LEU A 648 -12.35 12.78 -10.65
C LEU A 648 -11.90 14.24 -10.66
N LYS A 649 -12.53 15.02 -11.52
CA LYS A 649 -12.33 16.46 -11.58
C LYS A 649 -13.44 17.11 -10.74
N LEU A 650 -13.05 17.88 -9.74
CA LEU A 650 -13.98 18.47 -8.78
C LEU A 650 -13.86 19.98 -8.82
N ASP A 651 -14.97 20.65 -8.56
CA ASP A 651 -14.96 22.06 -8.24
C ASP A 651 -14.32 22.24 -6.85
N ALA A 652 -13.21 22.97 -6.79
CA ALA A 652 -12.49 23.10 -5.54
C ALA A 652 -13.24 23.92 -4.52
N ASP A 653 -14.27 24.68 -4.93
CA ASP A 653 -14.98 25.53 -3.98
CA ASP A 653 -14.99 25.54 -4.00
C ASP A 653 -16.00 24.75 -3.17
N ASN A 654 -16.55 23.67 -3.73
CA ASN A 654 -17.59 22.93 -3.04
C ASN A 654 -17.45 21.41 -3.15
N GLY A 655 -16.42 20.91 -3.82
CA GLY A 655 -16.24 19.48 -3.96
C GLY A 655 -17.17 18.79 -4.91
N GLU A 656 -17.92 19.52 -5.73
CA GLU A 656 -18.87 18.87 -6.62
CA GLU A 656 -18.87 18.88 -6.63
C GLU A 656 -18.15 18.30 -7.84
N ILE A 657 -18.56 17.10 -8.24
CA ILE A 657 -17.92 16.41 -9.36
C ILE A 657 -18.32 17.09 -10.67
N GLN A 658 -17.33 17.33 -11.53
CA GLN A 658 -17.57 17.87 -12.86
C GLN A 658 -17.30 16.75 -13.86
N ASP A 659 -17.81 16.92 -15.08
CA ASP A 659 -17.43 16.00 -16.14
CA ASP A 659 -17.43 16.01 -16.16
C ASP A 659 -15.93 16.11 -16.37
N PHE A 660 -15.27 14.96 -16.49
CA PHE A 660 -13.82 15.00 -16.66
C PHE A 660 -13.43 15.64 -17.98
N ASN A 661 -14.19 15.38 -19.04
CA ASN A 661 -13.88 15.93 -20.35
CA ASN A 661 -13.90 15.92 -20.36
C ASN A 661 -14.74 17.17 -20.62
N SER A 662 -14.10 18.23 -21.07
CA SER A 662 -14.80 19.47 -21.38
C SER A 662 -14.46 19.96 -22.79
C10 4ON B . 6.03 -5.25 11.62
C13 4ON B . 6.83 -4.74 14.04
C15 4ON B . 9.15 -3.75 14.32
C21 4ON B . 8.25 -5.11 16.12
C01 4ON B . 4.38 -0.95 3.01
C02 4ON B . 3.94 -1.39 4.39
C03 4ON B . 5.10 -1.86 5.25
C04 4ON B . 4.78 -1.87 6.73
C05 4ON B . 5.94 -2.22 7.65
C07 4ON B . 5.64 -3.33 8.67
C08 4ON B . 6.61 -3.49 9.83
C09 4ON B . 6.78 -4.93 10.32
C11 4ON B . 6.95 -5.64 12.79
C12 4ON B . 6.63 -7.05 13.19
C14 4ON B . 8.09 -4.52 14.85
C16 4ON B . 10.31 -3.56 15.06
C18 4ON B . 10.46 -4.13 16.32
C19 4ON B . 9.42 -4.90 16.85
F06 4ON B . 6.25 -1.01 8.39
O17 4ON B . 11.32 -2.79 14.52
O20 4ON B . 9.51 -5.49 18.11
C10 4ON C . 10.13 -6.68 5.45
C10 4ON C . 7.20 -12.38 13.34
C13 4ON C . 9.65 -4.20 5.04
C13 4ON C . 8.65 -10.66 14.59
C15 4ON C . 8.60 -1.94 4.59
C15 4ON C . 8.37 -9.11 16.61
C21 4ON C . 9.46 -2.38 6.81
C21 4ON C . 10.33 -10.50 16.51
C01 4ON C . 3.33 -17.51 7.66
C02 4ON C . 4.22 -17.13 8.82
C03 4ON C . 4.12 -15.67 9.19
C04 4ON C . 11.62 -9.53 9.84
C04 4ON C . 5.46 -14.99 9.34
C05 4ON C . 12.52 -8.32 9.65
C05 4ON C . 5.44 -13.51 8.99
C07 4ON C . 12.64 -7.84 8.20
C07 4ON C . 5.01 -12.59 10.13
C08 4ON C . 11.37 -7.33 7.57
C08 4ON C . 5.52 -12.95 11.50
C09 4ON C . 11.46 -7.11 6.07
C09 4ON C . 6.42 -11.89 12.12
C11 4ON C . 9.61 -5.36 6.04
C11 4ON C . 7.28 -11.34 14.49
C12 4ON C . 8.19 -5.60 6.52
C12 4ON C . 6.22 -10.30 14.22
C14 4ON C . 9.23 -2.81 5.49
C14 4ON C . 9.12 -10.08 15.93
C16 4ON C . 8.21 -0.66 4.99
C16 4ON C . 8.81 -8.58 17.83
C18 4ON C . 8.43 -0.23 6.31
C18 4ON C . 10.02 -9.01 18.39
C19 4ON C . 9.06 -1.10 7.21
C19 4ON C . 10.77 -9.97 17.72
F06 4ON C . 13.84 -8.73 10.02
F06 4ON C . 4.43 -13.39 8.00
O17 4ON C . 7.57 0.17 4.07
O17 4ON C . 8.04 -7.63 18.48
O20 4ON C . 9.32 -0.75 8.53
O20 4ON C . 11.98 -10.44 18.22
MG MG D . 1.08 20.85 -4.30
MG MG E . -9.62 -29.95 -12.50
MG MG F . -12.22 8.31 -23.04
MG MG G . -15.81 8.14 -18.33
CA CA H . -3.56 -3.62 7.73
CA CA I . -6.22 -7.22 9.36
CA CA J . -9.44 -10.89 10.81
CA CA K . -6.12 -24.42 -8.14
CA CA L . -7.68 -3.69 -13.92
CA CA M . 8.11 -4.75 -13.91
CA CA N . 18.62 -2.00 -1.71
CA CA O . 15.26 2.98 13.07
CA CA P . 0.90 6.62 19.41
CA CA Q . -13.94 6.80 12.82
CA CA R . -17.52 1.81 -2.15
CA CA S . 0.71 15.38 -1.44
CL CL T . 3.07 -0.08 8.85
CL CL U . -2.64 -10.17 20.09
CL CL V . 13.39 4.58 20.85
CL CL W . -23.56 -0.52 -16.58
CL CL X . 1.96 16.47 -24.84
CL CL Y . -21.16 -26.42 2.35
CL CL Z . -3.96 -33.62 -8.84
#